data_6KJD
#
_entry.id   6KJD
#
_cell.length_a   87.909
_cell.length_b   91.016
_cell.length_c   139.849
_cell.angle_alpha   90.000
_cell.angle_beta   90.000
_cell.angle_gamma   90.000
#
_symmetry.space_group_name_H-M   'P 21 21 21'
#
loop_
_entity.id
_entity.type
_entity.pdbx_description
1 polymer 'Pc15g00720 protein'
2 non-polymer '(3R,5R)-7-((1R,2R,6S,8R,8AS)-2,6-DIMETHYL-8-{[(2R)-2-METHYLBUTANOYL]OXY}-1,2,6,7,8,8A-HEXAHYDRONAPHTHALEN-1-YL)-3,5-DIHYDROXYHEPTANOIC ACID'
3 non-polymer TRIS-HYDROXYMETHYL-METHYL-AMMONIUM
4 water water
#
_entity_poly.entity_id   1
_entity_poly.type   'polypeptide(L)'
_entity_poly.pdbx_seq_one_letter_code
;HMDTTFQAAIDTGKINGAVVCATDAQGHFVYNKATGERTLLSGEKQPQQLDDVLYLAAATKLITTIAALQCVEDGLLSLD
GDLSSIAPELAAKYVLTGFTDDESPLDDPPARPITLKMLLTHSSGTSYHFLDPSIAKWRAQYANPENEKPRLVEEMFTYP
LSFQPGTGWMYGPGLDWAGRVVERVTGGTLMEFMQKRIFDPLGITDSQFYPVTREDLRARLVDLNPSDPGALGSAVIGGG
GEMNLRGRGAFGGHGLFLTGLDFVKILRSLLANDGMLLKPAAVDNMFQQHLGPEAAASHRAALASPLGPFFRVGTDPETK
VGYGLGGLLTLEDVDGWYGERTLTWGGGLTLTWFIDRKNNLCGVGAIQAVLPVDGDLMADLKQTFRHDIYRKYSAWKGQQ
;
_entity_poly.pdbx_strand_id   B,A
#
# COMPACT_ATOMS: atom_id res chain seq x y z
N HIS A 1 6.01 34.56 9.34
CA HIS A 1 6.50 33.78 10.47
C HIS A 1 6.23 32.31 10.26
N MET A 2 5.53 32.01 9.16
CA MET A 2 5.58 30.65 8.63
C MET A 2 7.02 30.16 8.51
N ASP A 3 7.92 30.99 7.98
CA ASP A 3 9.26 30.49 7.66
C ASP A 3 10.01 30.03 8.90
N THR A 4 10.13 30.90 9.92
CA THR A 4 10.82 30.49 11.13
C THR A 4 10.00 29.53 11.98
N THR A 5 8.67 29.62 11.93
CA THR A 5 7.88 28.66 12.70
C THR A 5 7.91 27.28 12.07
N PHE A 6 7.77 27.20 10.74
CA PHE A 6 7.83 25.91 10.05
C PHE A 6 9.22 25.26 10.20
N GLN A 7 10.28 26.07 10.09
CA GLN A 7 11.62 25.51 10.20
C GLN A 7 11.87 24.97 11.62
N ALA A 8 11.39 25.67 12.64
CA ALA A 8 11.54 25.16 14.00
C ALA A 8 10.82 23.83 14.17
N ALA A 9 9.66 23.68 13.54
CA ALA A 9 8.95 22.41 13.65
C ALA A 9 9.66 21.31 12.87
N ILE A 10 10.34 21.67 11.78
CA ILE A 10 11.19 20.70 11.09
C ILE A 10 12.36 20.29 11.99
N ASP A 11 12.99 21.27 12.66
CA ASP A 11 14.16 20.95 13.47
C ASP A 11 13.80 20.05 14.65
N THR A 12 12.60 20.22 15.23
CA THR A 12 12.22 19.29 16.28
C THR A 12 11.83 17.92 15.75
N GLY A 13 11.80 17.74 14.42
CA GLY A 13 11.42 16.47 13.83
C GLY A 13 9.94 16.17 13.86
N LYS A 14 9.08 17.14 14.20
CA LYS A 14 7.65 16.89 14.25
C LYS A 14 6.93 17.13 12.91
N ILE A 15 7.55 17.83 11.95
CA ILE A 15 7.03 17.89 10.59
C ILE A 15 8.19 17.71 9.62
N ASN A 16 7.85 17.24 8.42
CA ASN A 16 8.80 17.18 7.32
C ASN A 16 8.75 18.42 6.45
N GLY A 17 7.60 19.09 6.38
CA GLY A 17 7.47 20.25 5.52
C GLY A 17 6.05 20.77 5.45
N ALA A 18 5.81 21.62 4.46
CA ALA A 18 4.53 22.30 4.29
C ALA A 18 4.41 22.78 2.85
N VAL A 19 3.16 22.94 2.42
CA VAL A 19 2.81 23.54 1.14
C VAL A 19 1.78 24.63 1.41
N VAL A 20 2.04 25.85 0.93
CA VAL A 20 1.16 26.99 1.13
C VAL A 20 0.93 27.67 -0.20
N CYS A 21 -0.35 27.88 -0.56
CA CYS A 21 -0.73 28.57 -1.79
C CYS A 21 -1.83 29.57 -1.48
N ALA A 22 -1.62 30.84 -1.87
CA ALA A 22 -2.61 31.88 -1.63
C ALA A 22 -2.58 32.87 -2.78
N THR A 23 -3.71 33.54 -2.99
CA THR A 23 -3.82 34.47 -4.12
C THR A 23 -5.04 35.36 -3.94
N ASP A 24 -4.95 36.59 -4.44
CA ASP A 24 -6.14 37.42 -4.58
C ASP A 24 -6.87 37.00 -5.85
N ALA A 25 -7.97 37.67 -6.15
CA ALA A 25 -8.79 37.24 -7.28
C ALA A 25 -8.06 37.44 -8.61
N GLN A 26 -7.30 38.54 -8.75
CA GLN A 26 -6.69 38.86 -10.04
C GLN A 26 -5.32 38.25 -10.21
N GLY A 27 -4.81 37.55 -9.20
CA GLY A 27 -3.47 37.04 -9.30
C GLY A 27 -2.40 38.10 -9.16
N HIS A 28 -2.71 39.22 -8.51
CA HIS A 28 -1.70 40.25 -8.24
C HIS A 28 -0.84 39.86 -7.06
N PHE A 29 -1.46 39.68 -5.90
CA PHE A 29 -0.76 39.13 -4.75
C PHE A 29 -0.87 37.62 -4.84
N VAL A 30 0.27 36.96 -5.01
CA VAL A 30 0.34 35.51 -5.11
C VAL A 30 1.46 35.06 -4.19
N TYR A 31 1.18 34.09 -3.32
CA TYR A 31 2.20 33.50 -2.46
C TYR A 31 2.10 31.99 -2.55
N ASN A 32 3.18 31.36 -3.04
CA ASN A 32 3.29 29.92 -3.19
C ASN A 32 4.62 29.51 -2.58
N LYS A 33 4.58 28.65 -1.57
CA LYS A 33 5.81 28.22 -0.92
C LYS A 33 5.68 26.76 -0.52
N ALA A 34 6.60 25.93 -0.99
CA ALA A 34 6.82 24.59 -0.47
C ALA A 34 8.05 24.64 0.43
N THR A 35 7.97 23.98 1.57
CA THR A 35 8.99 24.05 2.61
C THR A 35 9.38 22.64 3.01
N GLY A 36 10.66 22.42 3.24
CA GLY A 36 11.08 21.16 3.82
C GLY A 36 11.33 20.06 2.82
N GLU A 37 11.05 18.82 3.22
CA GLU A 37 11.39 17.63 2.45
C GLU A 37 10.27 16.61 2.55
N ARG A 38 10.21 15.73 1.56
CA ARG A 38 9.41 14.51 1.56
C ARG A 38 10.34 13.31 1.53
N THR A 39 9.83 12.16 1.98
CA THR A 39 10.57 10.91 1.95
C THR A 39 9.92 9.97 0.95
N LEU A 40 10.73 9.44 0.05
CA LEU A 40 10.29 8.43 -0.90
C LEU A 40 10.22 7.07 -0.21
N LEU A 41 9.54 6.13 -0.86
CA LEU A 41 9.43 4.80 -0.30
C LEU A 41 10.80 4.18 -0.09
N SER A 42 11.76 4.50 -0.97
CA SER A 42 13.13 4.02 -0.86
C SER A 42 13.85 4.55 0.37
N GLY A 43 13.29 5.55 1.06
CA GLY A 43 14.01 6.25 2.11
C GLY A 43 14.75 7.49 1.65
N GLU A 44 14.80 7.75 0.34
CA GLU A 44 15.47 8.92 -0.21
C GLU A 44 14.64 10.19 0.05
N LYS A 45 15.33 11.28 0.34
CA LYS A 45 14.70 12.56 0.61
C LYS A 45 14.75 13.44 -0.64
N GLN A 46 13.72 14.26 -0.82
CA GLN A 46 13.63 15.30 -1.84
C GLN A 46 13.04 16.56 -1.23
N PRO A 47 13.40 17.74 -1.74
CA PRO A 47 12.72 18.96 -1.31
C PRO A 47 11.23 18.89 -1.57
N GLN A 48 10.46 19.38 -0.60
CA GLN A 48 9.04 19.60 -0.83
C GLN A 48 8.86 20.51 -2.05
N GLN A 49 7.87 20.21 -2.87
CA GLN A 49 7.64 21.00 -4.08
C GLN A 49 6.16 21.34 -4.24
N LEU A 50 5.91 22.47 -4.89
CA LEU A 50 4.54 22.95 -5.05
C LEU A 50 3.66 21.98 -5.85
N ASP A 51 4.23 21.09 -6.65
CA ASP A 51 3.41 20.13 -7.36
C ASP A 51 3.45 18.73 -6.71
N ASP A 52 3.86 18.63 -5.46
CA ASP A 52 3.62 17.38 -4.73
C ASP A 52 2.12 17.11 -4.61
N VAL A 53 1.75 15.83 -4.68
CA VAL A 53 0.35 15.42 -4.63
C VAL A 53 -0.03 15.23 -3.16
N LEU A 54 -0.99 16.00 -2.71
CA LEU A 54 -1.35 16.05 -1.29
C LEU A 54 -2.62 15.24 -1.04
N TYR A 55 -2.74 14.69 0.15
CA TYR A 55 -4.03 14.17 0.58
C TYR A 55 -4.87 15.33 1.07
N LEU A 56 -6.05 15.51 0.47
CA LEU A 56 -6.92 16.62 0.88
C LEU A 56 -7.71 16.30 2.14
N ALA A 57 -8.06 15.03 2.36
CA ALA A 57 -8.97 14.63 3.43
C ALA A 57 -10.23 15.49 3.28
N ALA A 58 -10.74 16.10 4.34
CA ALA A 58 -12.04 16.78 4.28
C ALA A 58 -12.02 18.04 3.42
N ALA A 59 -10.86 18.51 2.95
CA ALA A 59 -10.92 19.55 1.94
C ALA A 59 -11.59 19.03 0.68
N THR A 60 -11.69 17.71 0.51
CA THR A 60 -12.55 17.12 -0.51
C THR A 60 -13.98 17.62 -0.42
N LYS A 61 -14.46 17.95 0.79
CA LYS A 61 -15.87 18.30 0.95
C LYS A 61 -16.24 19.53 0.13
N LEU A 62 -15.33 20.51 0.04
CA LEU A 62 -15.61 21.70 -0.77
C LEU A 62 -15.81 21.35 -2.22
N ILE A 63 -14.99 20.43 -2.73
CA ILE A 63 -15.06 20.06 -4.15
C ILE A 63 -16.33 19.28 -4.42
N THR A 64 -16.68 18.36 -3.50
CA THR A 64 -17.93 17.62 -3.63
C THR A 64 -19.12 18.57 -3.55
N THR A 65 -19.03 19.60 -2.71
CA THR A 65 -20.08 20.62 -2.63
C THR A 65 -20.30 21.28 -3.97
N ILE A 66 -19.20 21.67 -4.65
CA ILE A 66 -19.31 22.27 -5.98
C ILE A 66 -19.99 21.32 -6.95
N ALA A 67 -19.50 20.07 -7.00
CA ALA A 67 -20.11 19.07 -7.89
C ALA A 67 -21.62 18.97 -7.68
N ALA A 68 -22.06 18.93 -6.42
CA ALA A 68 -23.49 18.86 -6.13
C ALA A 68 -24.23 20.12 -6.57
N LEU A 69 -23.62 21.29 -6.38
CA LEU A 69 -24.26 22.52 -6.85
C LEU A 69 -24.26 22.61 -8.38
N GLN A 70 -23.30 21.97 -9.05
CA GLN A 70 -23.35 21.93 -10.51
C GLN A 70 -24.51 21.04 -10.97
N CYS A 71 -24.81 19.96 -10.24
CA CYS A 71 -25.99 19.17 -10.53
C CYS A 71 -27.27 19.97 -10.30
N VAL A 72 -27.27 20.88 -9.32
CA VAL A 72 -28.41 21.76 -9.14
C VAL A 72 -28.57 22.65 -10.37
N GLU A 73 -27.48 23.25 -10.84
CA GLU A 73 -27.49 24.03 -12.08
C GLU A 73 -28.07 23.24 -13.24
N ASP A 74 -27.67 21.97 -13.38
CA ASP A 74 -28.18 21.14 -14.47
C ASP A 74 -29.65 20.80 -14.33
N GLY A 75 -30.28 21.09 -13.19
CA GLY A 75 -31.64 20.65 -12.97
C GLY A 75 -31.77 19.22 -12.48
N LEU A 76 -30.67 18.54 -12.20
CA LEU A 76 -30.73 17.15 -11.76
C LEU A 76 -31.04 17.03 -10.28
N LEU A 77 -30.85 18.11 -9.53
CA LEU A 77 -31.11 18.18 -8.09
C LEU A 77 -31.60 19.58 -7.78
N SER A 78 -32.16 19.76 -6.58
CA SER A 78 -32.39 21.08 -6.02
C SER A 78 -31.91 21.07 -4.58
N LEU A 79 -31.70 22.28 -4.02
CA LEU A 79 -31.18 22.37 -2.66
C LEU A 79 -32.19 21.87 -1.63
N ASP A 80 -33.47 22.20 -1.79
CA ASP A 80 -34.46 21.87 -0.77
C ASP A 80 -35.36 20.70 -1.17
N GLY A 81 -35.13 20.08 -2.33
CA GLY A 81 -35.98 18.98 -2.76
C GLY A 81 -35.78 17.72 -1.94
N ASP A 82 -36.77 16.84 -2.04
CA ASP A 82 -36.82 15.60 -1.27
C ASP A 82 -35.90 14.55 -1.91
N LEU A 83 -34.91 14.08 -1.14
CA LEU A 83 -33.93 13.10 -1.61
C LEU A 83 -34.33 11.65 -1.34
N SER A 84 -35.54 11.41 -0.82
CA SER A 84 -35.90 10.08 -0.34
C SER A 84 -35.93 9.06 -1.47
N SER A 85 -36.18 9.51 -2.70
CA SER A 85 -36.27 8.57 -3.81
C SER A 85 -34.87 8.22 -4.35
N ILE A 86 -33.99 9.21 -4.47
CA ILE A 86 -32.61 8.95 -4.91
C ILE A 86 -31.83 8.23 -3.82
N ALA A 87 -32.07 8.58 -2.56
CA ALA A 87 -31.30 8.03 -1.44
C ALA A 87 -32.26 7.38 -0.44
N PRO A 88 -32.88 6.26 -0.80
CA PRO A 88 -33.82 5.62 0.13
C PRO A 88 -33.15 5.20 1.44
N GLU A 89 -31.84 4.93 1.42
CA GLU A 89 -31.14 4.60 2.65
C GLU A 89 -31.21 5.74 3.66
N LEU A 90 -31.17 6.98 3.17
CA LEU A 90 -31.30 8.14 4.05
C LEU A 90 -32.72 8.27 4.58
N ALA A 91 -33.72 8.08 3.71
CA ALA A 91 -35.11 8.15 4.15
C ALA A 91 -35.41 7.12 5.23
N ALA A 92 -34.73 5.97 5.22
CA ALA A 92 -35.07 4.90 6.16
C ALA A 92 -34.44 5.07 7.52
N LYS A 93 -33.49 5.98 7.70
CA LYS A 93 -32.87 6.16 9.01
C LYS A 93 -33.87 6.76 9.98
N TYR A 94 -33.88 6.25 11.20
CA TYR A 94 -34.64 6.86 12.29
C TYR A 94 -33.75 7.84 13.04
N VAL A 95 -34.33 8.54 14.01
CA VAL A 95 -33.64 9.57 14.77
C VAL A 95 -33.40 9.05 16.18
N LEU A 96 -32.13 8.87 16.54
CA LEU A 96 -31.75 8.50 17.89
C LEU A 96 -31.85 9.71 18.80
N THR A 97 -32.70 9.64 19.84
CA THR A 97 -32.79 10.77 20.77
C THR A 97 -32.00 10.57 22.05
N GLY A 98 -31.56 9.35 22.34
CA GLY A 98 -30.83 9.09 23.56
C GLY A 98 -31.02 7.65 23.99
N PHE A 99 -30.75 7.39 25.27
CA PHE A 99 -30.83 6.06 25.82
C PHE A 99 -31.56 6.11 27.17
N THR A 100 -32.06 4.95 27.58
CA THR A 100 -32.71 4.75 28.88
C THR A 100 -31.73 4.78 30.06
N ASP A 101 -32.17 4.26 31.20
CA ASP A 101 -31.26 3.98 32.30
C ASP A 101 -30.62 2.60 32.18
N ASP A 102 -31.37 1.62 31.65
CA ASP A 102 -30.83 0.33 31.28
C ASP A 102 -30.13 0.36 29.93
N GLU A 103 -29.81 1.55 29.43
CA GLU A 103 -29.03 1.76 28.19
C GLU A 103 -29.76 1.27 26.94
N SER A 104 -31.14 1.37 26.92
CA SER A 104 -31.91 1.00 25.74
C SER A 104 -32.07 2.22 24.83
N PRO A 105 -31.99 1.99 23.52
CA PRO A 105 -31.99 3.11 22.55
C PRO A 105 -33.39 3.65 22.31
N LEU A 106 -33.54 4.96 22.46
CA LEU A 106 -34.77 5.65 22.08
C LEU A 106 -34.58 6.29 20.72
N ASP A 107 -35.40 5.89 19.75
CA ASP A 107 -35.39 6.55 18.44
C ASP A 107 -36.80 6.99 18.10
N ASP A 108 -36.94 7.72 17.00
CA ASP A 108 -38.22 8.18 16.48
C ASP A 108 -38.11 8.16 14.97
N PRO A 109 -39.21 7.98 14.25
CA PRO A 109 -39.17 8.12 12.80
C PRO A 109 -38.78 9.53 12.41
N PRO A 110 -38.23 9.72 11.22
CA PRO A 110 -37.86 11.08 10.78
C PRO A 110 -39.11 11.91 10.51
N ALA A 111 -39.06 13.18 10.93
CA ALA A 111 -40.20 14.08 10.80
C ALA A 111 -40.36 14.67 9.41
N ARG A 112 -39.32 14.61 8.58
CA ARG A 112 -39.33 15.28 7.29
C ARG A 112 -38.24 14.68 6.43
N PRO A 113 -38.30 14.88 5.12
CA PRO A 113 -37.24 14.34 4.25
C PRO A 113 -35.89 15.04 4.44
N ILE A 114 -34.84 14.32 4.06
CA ILE A 114 -33.50 14.87 3.97
C ILE A 114 -33.28 15.51 2.61
N THR A 115 -32.61 16.67 2.60
CA THR A 115 -32.40 17.46 1.41
C THR A 115 -30.91 17.66 1.16
N LEU A 116 -30.58 18.05 -0.08
CA LEU A 116 -29.20 18.32 -0.40
C LEU A 116 -28.64 19.40 0.51
N LYS A 117 -29.40 20.48 0.73
CA LYS A 117 -28.89 21.54 1.58
C LYS A 117 -28.48 21.01 2.95
N MET A 118 -29.28 20.10 3.51
CA MET A 118 -28.94 19.51 4.80
C MET A 118 -27.65 18.70 4.72
N LEU A 119 -27.50 17.90 3.65
CA LEU A 119 -26.28 17.12 3.49
C LEU A 119 -25.06 18.02 3.38
N LEU A 120 -25.15 19.10 2.59
CA LEU A 120 -24.01 20.00 2.41
C LEU A 120 -23.64 20.77 3.67
N THR A 121 -24.58 20.94 4.62
CA THR A 121 -24.33 21.79 5.78
C THR A 121 -24.28 21.01 7.09
N HIS A 122 -24.25 19.67 7.05
CA HIS A 122 -24.13 18.85 8.26
C HIS A 122 -25.29 19.07 9.22
N SER A 123 -26.45 19.36 8.66
CA SER A 123 -27.67 19.52 9.44
C SER A 123 -28.71 18.47 9.06
N SER A 124 -28.30 17.36 8.46
CA SER A 124 -29.24 16.30 8.13
C SER A 124 -29.47 15.35 9.29
N GLY A 125 -28.56 15.29 10.25
CA GLY A 125 -28.57 14.27 11.27
C GLY A 125 -27.47 13.23 11.13
N THR A 126 -26.92 13.04 9.93
CA THR A 126 -25.86 12.05 9.74
C THR A 126 -24.58 12.57 10.38
N SER A 127 -24.10 11.87 11.41
CA SER A 127 -23.00 12.32 12.26
C SER A 127 -21.88 11.30 12.24
N TYR A 128 -20.64 11.80 12.31
CA TYR A 128 -19.50 10.88 12.44
C TYR A 128 -19.53 10.18 13.79
N HIS A 129 -19.46 8.85 13.79
CA HIS A 129 -19.53 8.13 15.05
C HIS A 129 -18.40 8.54 16.00
N PHE A 130 -17.24 8.95 15.47
CA PHE A 130 -16.13 9.31 16.34
C PHE A 130 -16.22 10.73 16.90
N LEU A 131 -17.23 11.51 16.52
CA LEU A 131 -17.45 12.80 17.14
C LEU A 131 -18.74 12.85 17.94
N ASP A 132 -19.64 11.90 17.71
CA ASP A 132 -20.97 11.90 18.31
C ASP A 132 -21.06 10.77 19.31
N PRO A 133 -20.99 11.06 20.61
CA PRO A 133 -20.95 9.97 21.61
C PRO A 133 -22.19 9.09 21.58
N SER A 134 -23.35 9.67 21.33
CA SER A 134 -24.57 8.87 21.23
C SER A 134 -24.49 7.89 20.07
N ILE A 135 -24.09 8.37 18.89
CA ILE A 135 -23.92 7.48 17.74
C ILE A 135 -22.76 6.53 17.99
N ALA A 136 -21.73 6.98 18.70
CA ALA A 136 -20.64 6.09 19.10
C ALA A 136 -21.16 4.92 19.94
N LYS A 137 -21.98 5.24 20.95
CA LYS A 137 -22.56 4.19 21.79
C LYS A 137 -23.43 3.24 20.98
N TRP A 138 -24.32 3.79 20.14
CA TRP A 138 -25.15 2.96 19.28
C TRP A 138 -24.32 2.04 18.40
N ARG A 139 -23.22 2.56 17.85
CA ARG A 139 -22.36 1.72 17.03
C ARG A 139 -21.76 0.57 17.82
N ALA A 140 -21.34 0.84 19.05
CA ALA A 140 -20.75 -0.22 19.87
C ALA A 140 -21.70 -1.40 20.01
N GLN A 141 -22.98 -1.13 20.29
CA GLN A 141 -23.94 -2.21 20.54
C GLN A 141 -24.40 -2.88 19.25
N TYR A 142 -25.27 -2.22 18.48
CA TYR A 142 -25.97 -2.84 17.36
C TYR A 142 -25.13 -2.91 16.09
N ALA A 143 -23.85 -2.61 16.14
CA ALA A 143 -22.93 -2.89 15.05
C ALA A 143 -21.69 -3.53 15.65
N ASN A 144 -21.37 -4.76 15.24
CA ASN A 144 -20.09 -5.39 15.56
C ASN A 144 -19.38 -5.87 14.28
N PRO A 145 -19.36 -5.03 13.21
CA PRO A 145 -18.67 -5.47 11.99
C PRO A 145 -17.16 -5.36 12.14
N GLU A 146 -16.51 -6.49 12.39
CA GLU A 146 -15.06 -6.57 12.35
C GLU A 146 -14.55 -7.16 11.05
N ASN A 147 -15.44 -7.46 10.10
CA ASN A 147 -15.00 -7.89 8.78
C ASN A 147 -14.44 -6.68 8.03
N GLU A 148 -13.30 -6.88 7.39
CA GLU A 148 -12.62 -5.78 6.75
C GLU A 148 -13.16 -5.51 5.34
N LYS A 149 -14.26 -6.16 4.97
CA LYS A 149 -14.71 -6.12 3.58
C LYS A 149 -14.95 -4.69 3.12
N PRO A 150 -14.54 -4.35 1.90
CA PRO A 150 -14.72 -2.97 1.43
C PRO A 150 -16.20 -2.61 1.36
N ARG A 151 -16.53 -1.40 1.77
CA ARG A 151 -17.92 -0.98 1.77
C ARG A 151 -18.11 0.30 0.98
N LEU A 152 -19.22 0.33 0.25
CA LEU A 152 -19.69 1.54 -0.41
C LEU A 152 -20.06 2.57 0.65
N VAL A 153 -20.28 3.80 0.19
CA VAL A 153 -20.72 4.86 1.11
C VAL A 153 -21.95 4.39 1.89
N GLU A 154 -22.95 3.87 1.17
CA GLU A 154 -24.20 3.48 1.81
C GLU A 154 -24.03 2.28 2.74
N GLU A 155 -23.02 1.43 2.50
CA GLU A 155 -22.73 0.31 3.40
C GLU A 155 -21.85 0.69 4.57
N MET A 156 -21.22 1.85 4.53
CA MET A 156 -20.33 2.27 5.60
C MET A 156 -21.04 3.11 6.66
N PHE A 157 -21.97 3.96 6.24
CA PHE A 157 -22.65 4.92 7.11
C PHE A 157 -24.07 4.41 7.36
N THR A 158 -24.18 3.44 8.26
CA THR A 158 -25.42 2.74 8.52
C THR A 158 -26.10 3.20 9.80
N TYR A 159 -25.60 4.26 10.43
CA TYR A 159 -26.08 4.71 11.71
C TYR A 159 -27.38 5.51 11.58
N PRO A 160 -28.17 5.58 12.65
CA PRO A 160 -29.35 6.43 12.63
C PRO A 160 -28.96 7.91 12.65
N LEU A 161 -29.94 8.74 12.34
CA LEU A 161 -29.72 10.17 12.46
C LEU A 161 -29.52 10.53 13.92
N SER A 162 -28.73 11.58 14.14
CA SER A 162 -28.49 12.09 15.46
C SER A 162 -29.55 13.09 15.90
N PHE A 163 -30.36 13.60 14.98
CA PHE A 163 -31.38 14.58 15.31
C PHE A 163 -32.32 14.63 14.14
N GLN A 164 -33.45 15.31 14.35
CA GLN A 164 -34.43 15.40 13.28
C GLN A 164 -33.83 16.23 12.14
N PRO A 165 -33.95 15.78 10.88
CA PRO A 165 -33.42 16.54 9.74
C PRO A 165 -33.73 18.02 9.80
N GLY A 166 -32.68 18.85 9.67
CA GLY A 166 -32.83 20.28 9.63
C GLY A 166 -32.74 20.99 10.97
N THR A 167 -32.80 20.26 12.10
CA THR A 167 -32.93 20.90 13.40
C THR A 167 -31.66 20.92 14.21
N GLY A 168 -30.57 20.31 13.72
CA GLY A 168 -29.34 20.25 14.49
C GLY A 168 -28.14 20.45 13.58
N TRP A 169 -26.94 20.39 14.17
CA TRP A 169 -25.72 20.44 13.38
C TRP A 169 -24.72 19.47 13.96
N MET A 170 -24.22 18.55 13.15
CA MET A 170 -23.09 17.72 13.57
C MET A 170 -22.35 17.28 12.33
N TYR A 171 -21.04 17.50 12.37
CA TYR A 171 -20.12 17.07 11.33
C TYR A 171 -20.26 15.57 11.08
N GLY A 172 -20.34 15.19 9.80
CA GLY A 172 -20.57 13.81 9.44
C GLY A 172 -20.47 13.52 7.94
N PRO A 173 -21.05 12.37 7.53
CA PRO A 173 -20.88 11.89 6.14
C PRO A 173 -21.78 12.55 5.12
N GLY A 174 -22.31 13.74 5.43
CA GLY A 174 -23.24 14.38 4.51
C GLY A 174 -22.71 14.53 3.10
N LEU A 175 -21.40 14.75 2.95
CA LEU A 175 -20.83 14.93 1.61
C LEU A 175 -20.49 13.61 0.94
N ASP A 176 -20.28 12.55 1.73
CA ASP A 176 -20.23 11.22 1.14
C ASP A 176 -21.59 10.83 0.57
N TRP A 177 -22.66 11.11 1.31
CA TRP A 177 -24.00 10.91 0.77
C TRP A 177 -24.23 11.76 -0.47
N ALA A 178 -23.85 13.05 -0.41
CA ALA A 178 -24.08 13.92 -1.56
C ALA A 178 -23.34 13.44 -2.79
N GLY A 179 -22.10 12.96 -2.59
CA GLY A 179 -21.36 12.38 -3.70
C GLY A 179 -22.06 11.18 -4.29
N ARG A 180 -22.65 10.32 -3.43
CA ARG A 180 -23.43 9.18 -3.94
C ARG A 180 -24.65 9.64 -4.70
N VAL A 181 -25.33 10.67 -4.20
CA VAL A 181 -26.46 11.24 -4.92
C VAL A 181 -26.00 11.72 -6.31
N VAL A 182 -24.88 12.43 -6.38
CA VAL A 182 -24.36 12.91 -7.66
C VAL A 182 -24.11 11.74 -8.62
N GLU A 183 -23.58 10.62 -8.11
CA GLU A 183 -23.37 9.47 -8.99
C GLU A 183 -24.70 8.92 -9.48
N ARG A 184 -25.68 8.79 -8.57
CA ARG A 184 -26.96 8.19 -8.94
C ARG A 184 -27.73 9.03 -9.95
N VAL A 185 -27.68 10.36 -9.84
CA VAL A 185 -28.43 11.17 -10.81
C VAL A 185 -27.65 11.43 -12.10
N THR A 186 -26.32 11.30 -12.09
CA THR A 186 -25.58 11.48 -13.34
C THR A 186 -25.34 10.17 -14.07
N GLY A 187 -25.42 9.04 -13.37
CA GLY A 187 -25.17 7.76 -14.01
C GLY A 187 -23.72 7.43 -14.27
N GLY A 188 -22.79 8.12 -13.60
CA GLY A 188 -21.38 7.80 -13.69
C GLY A 188 -20.69 8.01 -12.34
N THR A 189 -19.37 7.85 -12.29
CA THR A 189 -18.65 7.98 -11.02
C THR A 189 -18.49 9.46 -10.63
N LEU A 190 -18.29 9.70 -9.32
CA LEU A 190 -18.02 11.06 -8.85
C LEU A 190 -16.79 11.65 -9.54
N MET A 191 -15.72 10.85 -9.69
CA MET A 191 -14.50 11.36 -10.32
C MET A 191 -14.76 11.75 -11.78
N GLU A 192 -15.52 10.94 -12.52
CA GLU A 192 -15.86 11.28 -13.90
C GLU A 192 -16.56 12.63 -13.98
N PHE A 193 -17.52 12.86 -13.09
CA PHE A 193 -18.23 14.14 -13.09
C PHE A 193 -17.28 15.29 -12.73
N MET A 194 -16.50 15.12 -11.66
CA MET A 194 -15.55 16.17 -11.27
C MET A 194 -14.51 16.42 -12.35
N GLN A 195 -13.99 15.37 -12.98
CA GLN A 195 -12.98 15.59 -14.01
C GLN A 195 -13.56 16.41 -15.15
N LYS A 196 -14.82 16.15 -15.51
CA LYS A 196 -15.43 16.88 -16.59
C LYS A 196 -15.82 18.29 -16.18
N ARG A 197 -16.41 18.45 -15.00
CA ARG A 197 -17.08 19.70 -14.67
C ARG A 197 -16.24 20.62 -13.79
N ILE A 198 -15.22 20.11 -13.10
CA ILE A 198 -14.38 20.94 -12.24
C ILE A 198 -12.92 20.94 -12.68
N PHE A 199 -12.33 19.75 -12.85
CA PHE A 199 -10.90 19.68 -13.12
C PHE A 199 -10.58 20.13 -14.56
N ASP A 200 -11.26 19.56 -15.57
CA ASP A 200 -11.00 19.97 -16.95
C ASP A 200 -11.10 21.48 -17.16
N PRO A 201 -12.18 22.17 -16.76
CA PRO A 201 -12.25 23.62 -17.01
C PRO A 201 -11.11 24.40 -16.37
N LEU A 202 -10.50 23.87 -15.31
CA LEU A 202 -9.40 24.54 -14.64
C LEU A 202 -8.04 24.01 -15.10
N GLY A 203 -8.00 23.10 -16.06
CA GLY A 203 -6.75 22.51 -16.49
C GLY A 203 -6.11 21.60 -15.48
N ILE A 204 -6.91 20.98 -14.61
CA ILE A 204 -6.38 20.11 -13.56
C ILE A 204 -6.34 18.67 -14.08
N THR A 205 -5.15 18.07 -14.11
CA THR A 205 -5.02 16.67 -14.53
C THR A 205 -4.36 15.79 -13.48
N ASP A 206 -3.94 16.33 -12.35
CA ASP A 206 -3.16 15.52 -11.42
C ASP A 206 -3.95 15.26 -10.15
N SER A 207 -5.10 14.62 -10.32
CA SER A 207 -6.06 14.41 -9.25
C SER A 207 -6.55 12.98 -9.32
N GLN A 208 -6.81 12.38 -8.16
CA GLN A 208 -7.45 11.07 -8.09
C GLN A 208 -8.04 10.88 -6.69
N PHE A 209 -9.15 10.16 -6.60
CA PHE A 209 -9.69 9.71 -5.31
C PHE A 209 -8.89 8.52 -4.79
N TYR A 210 -8.91 8.34 -3.48
CA TYR A 210 -8.36 7.10 -2.92
C TYR A 210 -9.14 5.94 -3.54
N PRO A 211 -8.44 4.89 -3.98
CA PRO A 211 -6.99 4.69 -3.97
C PRO A 211 -6.31 5.32 -5.17
N VAL A 212 -5.13 5.89 -4.94
CA VAL A 212 -4.38 6.57 -6.01
C VAL A 212 -3.63 5.47 -6.78
N THR A 213 -4.16 5.11 -7.95
CA THR A 213 -3.53 4.04 -8.72
C THR A 213 -2.53 4.58 -9.73
N ARG A 214 -2.66 5.85 -10.14
CA ARG A 214 -1.81 6.39 -11.20
C ARG A 214 -0.35 6.41 -10.80
N GLU A 215 0.49 5.81 -11.66
CA GLU A 215 1.93 5.76 -11.39
C GLU A 215 2.52 7.17 -11.29
N ASP A 216 2.11 8.08 -12.19
CA ASP A 216 2.67 9.43 -12.16
C ASP A 216 2.28 10.15 -10.87
N LEU A 217 1.06 9.91 -10.37
CA LEU A 217 0.72 10.53 -9.10
C LEU A 217 1.47 9.88 -7.95
N ARG A 218 1.55 8.54 -7.94
CA ARG A 218 2.24 7.85 -6.84
C ARG A 218 3.68 8.33 -6.68
N ALA A 219 4.35 8.61 -7.80
CA ALA A 219 5.71 9.14 -7.75
C ALA A 219 5.80 10.50 -7.05
N ARG A 220 4.68 11.20 -6.83
CA ARG A 220 4.70 12.50 -6.17
C ARG A 220 3.83 12.55 -4.91
N LEU A 221 3.26 11.42 -4.47
CA LEU A 221 2.46 11.41 -3.25
C LEU A 221 3.35 11.69 -2.05
N VAL A 222 3.10 12.79 -1.35
CA VAL A 222 3.82 13.03 -0.09
C VAL A 222 3.62 11.88 0.89
N ASP A 223 2.41 11.30 0.91
CA ASP A 223 2.00 10.29 1.88
C ASP A 223 2.37 8.87 1.47
N LEU A 224 3.15 8.71 0.40
CA LEU A 224 3.73 7.41 0.03
C LEU A 224 5.17 7.45 0.53
N ASN A 225 5.40 6.83 1.68
CA ASN A 225 6.70 6.93 2.35
C ASN A 225 6.80 5.75 3.33
N PRO A 226 7.96 5.53 3.94
CA PRO A 226 8.10 4.35 4.82
C PRO A 226 7.13 4.31 5.99
N SER A 227 6.65 5.45 6.48
CA SER A 227 5.67 5.46 7.57
C SER A 227 4.27 5.14 7.10
N ASP A 228 4.03 5.22 5.80
CA ASP A 228 2.69 5.09 5.24
C ASP A 228 2.81 4.40 3.89
N PRO A 229 3.28 3.15 3.86
CA PRO A 229 3.49 2.48 2.56
C PRO A 229 2.20 2.22 1.80
N GLY A 230 1.05 2.26 2.48
CA GLY A 230 -0.23 2.21 1.80
C GLY A 230 -0.72 3.52 1.22
N ALA A 231 0.03 4.61 1.45
CA ALA A 231 -0.43 5.95 1.10
C ALA A 231 -1.87 6.18 1.55
N LEU A 232 -2.15 5.89 2.83
CA LEU A 232 -3.50 6.05 3.36
C LEU A 232 -3.79 7.47 3.80
N GLY A 233 -2.77 8.33 3.89
CA GLY A 233 -2.97 9.67 4.42
C GLY A 233 -2.92 9.76 5.92
N SER A 234 -2.26 8.80 6.58
CA SER A 234 -2.20 8.73 8.04
C SER A 234 -1.73 10.04 8.66
N ALA A 235 -0.63 10.61 8.16
CA ALA A 235 -0.08 11.81 8.78
C ALA A 235 -1.10 12.96 8.79
N VAL A 236 -1.96 13.02 7.76
CA VAL A 236 -2.91 14.12 7.65
C VAL A 236 -4.01 13.99 8.70
N ILE A 237 -4.53 12.79 8.90
CA ILE A 237 -5.69 12.59 9.77
C ILE A 237 -5.28 12.11 11.17
N GLY A 238 -4.01 12.30 11.55
CA GLY A 238 -3.56 11.99 12.89
C GLY A 238 -3.28 10.54 13.17
N GLY A 239 -3.43 9.65 12.19
CA GLY A 239 -3.14 8.24 12.40
C GLY A 239 -4.27 7.41 11.84
N GLY A 240 -3.94 6.21 11.40
CA GLY A 240 -4.95 5.35 10.83
C GLY A 240 -4.92 5.27 9.32
N GLY A 241 -6.01 5.68 8.67
CA GLY A 241 -6.24 5.24 7.31
C GLY A 241 -7.32 4.18 7.21
N GLU A 242 -7.81 3.70 8.34
CA GLU A 242 -8.91 2.76 8.38
C GLU A 242 -9.99 3.01 7.38
N MET A 243 -10.49 4.23 7.35
CA MET A 243 -11.69 4.51 6.57
C MET A 243 -11.39 4.44 5.09
N ASN A 244 -10.22 4.93 4.67
CA ASN A 244 -9.83 4.78 3.28
C ASN A 244 -9.65 3.32 2.94
N LEU A 245 -8.98 2.57 3.82
CA LEU A 245 -8.72 1.15 3.60
C LEU A 245 -10.01 0.37 3.44
N ARG A 246 -11.02 0.69 4.24
CA ARG A 246 -12.27 -0.03 4.26
C ARG A 246 -13.25 0.31 3.14
N GLY A 247 -12.93 1.29 2.34
CA GLY A 247 -13.92 1.87 1.47
C GLY A 247 -13.89 1.31 0.06
N ARG A 248 -15.01 1.47 -0.61
CA ARG A 248 -15.14 1.07 -1.99
C ARG A 248 -15.87 2.19 -2.71
N GLY A 249 -15.34 2.61 -3.85
CA GLY A 249 -15.87 3.78 -4.54
C GLY A 249 -15.32 5.08 -3.95
N ALA A 250 -15.69 6.18 -4.62
CA ALA A 250 -15.24 7.50 -4.19
C ALA A 250 -15.98 7.94 -2.94
N PHE A 251 -15.23 8.50 -2.02
CA PHE A 251 -15.80 9.16 -0.85
C PHE A 251 -15.68 10.68 -0.91
N GLY A 252 -16.78 11.33 -1.22
CA GLY A 252 -16.90 12.76 -1.30
C GLY A 252 -16.59 13.54 -0.05
N GLY A 253 -16.64 12.88 1.08
CA GLY A 253 -16.23 13.44 2.35
C GLY A 253 -14.74 13.68 2.46
N HIS A 254 -13.90 12.80 1.98
CA HIS A 254 -12.50 12.83 2.35
C HIS A 254 -11.52 12.37 1.31
N GLY A 255 -11.97 11.74 0.26
CA GLY A 255 -11.14 10.85 -0.54
C GLY A 255 -10.13 11.44 -1.51
N LEU A 256 -10.11 12.75 -1.73
CA LEU A 256 -9.38 13.30 -2.88
C LEU A 256 -7.91 13.57 -2.58
N PHE A 257 -7.08 13.38 -3.61
CA PHE A 257 -5.67 13.78 -3.62
C PHE A 257 -5.48 14.80 -4.73
N LEU A 258 -4.64 15.82 -4.49
CA LEU A 258 -4.56 17.00 -5.33
C LEU A 258 -3.30 17.79 -4.96
N THR A 259 -2.72 18.53 -5.91
CA THR A 259 -1.62 19.42 -5.55
C THR A 259 -2.16 20.69 -4.88
N GLY A 260 -1.28 21.37 -4.15
CA GLY A 260 -1.69 22.65 -3.58
C GLY A 260 -1.97 23.67 -4.65
N LEU A 261 -1.21 23.64 -5.75
CA LEU A 261 -1.43 24.55 -6.87
C LEU A 261 -2.79 24.33 -7.49
N ASP A 262 -3.19 23.07 -7.65
CA ASP A 262 -4.49 22.81 -8.26
C ASP A 262 -5.62 23.17 -7.31
N PHE A 263 -5.44 22.92 -6.01
CA PHE A 263 -6.51 23.24 -5.07
C PHE A 263 -6.79 24.75 -5.06
N VAL A 264 -5.74 25.57 -5.01
CA VAL A 264 -5.96 27.01 -5.00
C VAL A 264 -6.58 27.51 -6.30
N LYS A 265 -6.44 26.80 -7.43
CA LYS A 265 -7.19 27.19 -8.63
C LYS A 265 -8.69 27.10 -8.40
N ILE A 266 -9.14 26.08 -7.66
CA ILE A 266 -10.54 25.96 -7.31
C ILE A 266 -10.98 27.10 -6.40
N LEU A 267 -10.20 27.34 -5.33
CA LEU A 267 -10.52 28.45 -4.43
C LEU A 267 -10.62 29.76 -5.20
N ARG A 268 -9.73 29.96 -6.13
CA ARG A 268 -9.65 31.27 -6.75
C ARG A 268 -10.77 31.47 -7.76
N SER A 269 -11.24 30.40 -8.40
CA SER A 269 -12.41 30.53 -9.25
C SER A 269 -13.62 30.99 -8.44
N LEU A 270 -13.80 30.46 -7.23
CA LEU A 270 -14.90 30.91 -6.38
C LEU A 270 -14.68 32.34 -5.91
N LEU A 271 -13.45 32.69 -5.56
CA LEU A 271 -13.14 34.04 -5.10
C LEU A 271 -13.41 35.07 -6.20
N ALA A 272 -12.88 34.84 -7.40
CA ALA A 272 -13.15 35.77 -8.50
C ALA A 272 -14.58 35.67 -9.02
N ASN A 273 -15.27 34.56 -8.77
CA ASN A 273 -16.62 34.33 -9.29
C ASN A 273 -16.63 34.46 -10.82
N ASP A 274 -15.72 33.73 -11.45
CA ASP A 274 -15.43 33.89 -12.86
C ASP A 274 -16.29 33.00 -13.76
N GLY A 275 -17.28 32.31 -13.20
CA GLY A 275 -18.15 31.48 -14.01
C GLY A 275 -17.53 30.19 -14.52
N MET A 276 -16.30 29.87 -14.12
CA MET A 276 -15.67 28.65 -14.61
C MET A 276 -16.36 27.39 -14.08
N LEU A 277 -16.86 27.42 -12.84
CA LEU A 277 -17.46 26.26 -12.19
C LEU A 277 -18.95 26.39 -11.98
N LEU A 278 -19.42 27.58 -11.58
CA LEU A 278 -20.80 27.84 -11.24
C LEU A 278 -21.15 29.24 -11.68
N LYS A 279 -22.44 29.48 -11.93
CA LYS A 279 -22.87 30.83 -12.25
C LYS A 279 -22.69 31.74 -11.03
N PRO A 280 -22.43 33.03 -11.25
CA PRO A 280 -22.13 33.93 -10.12
C PRO A 280 -23.17 33.91 -9.01
N ALA A 281 -24.46 33.83 -9.35
CA ALA A 281 -25.47 33.86 -8.30
C ALA A 281 -25.44 32.60 -7.45
N ALA A 282 -25.10 31.45 -8.06
CA ALA A 282 -24.99 30.22 -7.28
C ALA A 282 -23.76 30.26 -6.36
N VAL A 283 -22.66 30.87 -6.81
CA VAL A 283 -21.51 31.06 -5.92
C VAL A 283 -21.89 31.97 -4.75
N ASP A 284 -22.52 33.12 -5.05
CA ASP A 284 -22.95 34.04 -3.99
C ASP A 284 -23.74 33.31 -2.92
N ASN A 285 -24.67 32.44 -3.35
CA ASN A 285 -25.49 31.69 -2.42
C ASN A 285 -24.67 30.79 -1.49
N MET A 286 -23.44 30.40 -1.89
CA MET A 286 -22.60 29.58 -1.02
C MET A 286 -22.20 30.32 0.24
N PHE A 287 -22.01 31.63 0.16
CA PHE A 287 -21.50 32.46 1.26
C PHE A 287 -22.63 33.04 2.11
N GLN A 288 -23.61 32.19 2.46
CA GLN A 288 -24.76 32.58 3.27
C GLN A 288 -24.98 31.54 4.36
N GLN A 289 -25.55 32.00 5.47
CA GLN A 289 -25.96 31.10 6.55
C GLN A 289 -27.09 30.20 6.04
N HIS A 290 -26.84 28.89 5.97
CA HIS A 290 -27.87 27.96 5.51
C HIS A 290 -28.33 27.00 6.61
N LEU A 291 -27.99 27.28 7.86
CA LEU A 291 -28.61 26.60 8.98
C LEU A 291 -29.79 27.44 9.46
N GLY A 292 -30.95 26.81 9.62
CA GLY A 292 -32.06 27.46 10.25
C GLY A 292 -31.79 27.69 11.73
N PRO A 293 -32.76 28.34 12.40
CA PRO A 293 -32.51 28.79 13.80
C PRO A 293 -32.13 27.68 14.76
N GLU A 294 -32.88 26.59 14.76
CA GLU A 294 -32.55 25.47 15.66
C GLU A 294 -31.21 24.85 15.29
N ALA A 295 -30.95 24.64 13.99
CA ALA A 295 -29.69 24.06 13.58
C ALA A 295 -28.52 24.97 13.93
N ALA A 296 -28.69 26.29 13.76
CA ALA A 296 -27.64 27.24 14.12
C ALA A 296 -27.33 27.23 15.61
N ALA A 297 -28.35 27.08 16.46
CA ALA A 297 -28.08 26.96 17.88
C ALA A 297 -27.30 25.69 18.20
N SER A 298 -27.63 24.59 17.53
CA SER A 298 -26.90 23.34 17.71
C SER A 298 -25.43 23.48 17.26
N HIS A 299 -25.22 24.14 16.11
CA HIS A 299 -23.88 24.43 15.63
C HIS A 299 -23.07 25.15 16.71
N ARG A 300 -23.66 26.20 17.29
CA ARG A 300 -22.95 26.98 18.30
C ARG A 300 -22.70 26.20 19.57
N ALA A 301 -23.61 25.29 19.94
CA ALA A 301 -23.31 24.38 21.04
C ALA A 301 -22.11 23.51 20.69
N ALA A 302 -22.11 22.91 19.49
CA ALA A 302 -20.95 22.12 19.08
C ALA A 302 -19.67 22.96 19.13
N LEU A 303 -19.75 24.23 18.73
CA LEU A 303 -18.58 25.10 18.77
C LEU A 303 -18.09 25.38 20.18
N ALA A 304 -18.96 25.30 21.19
CA ALA A 304 -18.55 25.50 22.58
C ALA A 304 -18.20 24.20 23.28
N SER A 305 -18.37 23.07 22.61
CA SER A 305 -18.09 21.76 23.17
C SER A 305 -16.58 21.50 23.19
N PRO A 306 -16.14 20.38 23.77
CA PRO A 306 -14.71 20.04 23.73
C PRO A 306 -14.14 19.89 22.32
N LEU A 307 -14.97 19.55 21.33
CA LEU A 307 -14.57 19.47 19.93
C LEU A 307 -14.61 20.83 19.23
N GLY A 308 -15.09 21.87 19.92
CA GLY A 308 -15.21 23.18 19.33
C GLY A 308 -13.98 23.72 18.62
N PRO A 309 -12.77 23.53 19.18
CA PRO A 309 -11.59 24.05 18.47
C PRO A 309 -11.46 23.49 17.07
N PHE A 310 -11.76 22.19 16.86
CA PHE A 310 -11.74 21.65 15.50
C PHE A 310 -12.82 22.31 14.66
N PHE A 311 -14.01 22.48 15.24
CA PHE A 311 -15.14 23.00 14.50
C PHE A 311 -15.00 24.49 14.16
N ARG A 312 -14.17 25.22 14.90
CA ARG A 312 -14.01 26.66 14.70
C ARG A 312 -12.99 27.01 13.64
N VAL A 313 -12.15 26.07 13.21
CA VAL A 313 -11.15 26.27 12.16
C VAL A 313 -10.31 27.51 12.46
N GLY A 314 -9.96 27.69 13.73
CA GLY A 314 -9.11 28.79 14.14
C GLY A 314 -9.80 30.10 14.42
N THR A 315 -11.10 30.23 14.11
CA THR A 315 -11.77 31.50 14.40
C THR A 315 -11.98 31.66 15.91
N ASP A 316 -12.04 32.91 16.36
CA ASP A 316 -12.11 33.20 17.79
C ASP A 316 -13.51 32.89 18.34
N PRO A 317 -13.62 32.39 19.58
CA PRO A 317 -14.95 32.14 20.17
C PRO A 317 -15.88 33.36 20.17
N GLU A 318 -15.35 34.58 20.12
CA GLU A 318 -16.18 35.78 20.08
C GLU A 318 -16.68 36.14 18.69
N THR A 319 -16.27 35.41 17.67
CA THR A 319 -16.70 35.73 16.31
C THR A 319 -17.97 34.98 15.99
N LYS A 320 -18.97 35.71 15.51
CA LYS A 320 -20.22 35.07 15.13
C LYS A 320 -20.02 34.33 13.81
N VAL A 321 -20.52 33.10 13.74
CA VAL A 321 -20.31 32.23 12.59
C VAL A 321 -21.59 31.46 12.28
N GLY A 322 -21.72 31.06 11.02
CA GLY A 322 -22.71 30.10 10.60
C GLY A 322 -22.08 29.01 9.76
N TYR A 323 -22.87 28.26 9.01
CA TYR A 323 -22.37 27.24 8.12
C TYR A 323 -22.95 27.47 6.74
N GLY A 324 -22.07 27.72 5.77
CA GLY A 324 -22.47 27.94 4.39
C GLY A 324 -22.42 26.66 3.58
N LEU A 325 -22.53 26.83 2.26
CA LEU A 325 -22.40 25.69 1.36
C LEU A 325 -20.92 25.51 1.10
N GLY A 326 -20.28 24.65 1.89
CA GLY A 326 -18.87 24.39 1.68
C GLY A 326 -18.01 24.50 2.93
N GLY A 327 -18.51 25.08 4.01
CA GLY A 327 -17.69 25.20 5.20
C GLY A 327 -18.26 26.20 6.18
N LEU A 328 -17.48 26.43 7.23
CA LEU A 328 -17.81 27.46 8.20
C LEU A 328 -17.83 28.83 7.54
N LEU A 329 -18.75 29.68 7.99
CA LEU A 329 -18.97 31.00 7.41
C LEU A 329 -18.90 32.06 8.51
N THR A 330 -17.93 32.97 8.43
CA THR A 330 -17.92 34.02 9.43
C THR A 330 -19.07 34.98 9.17
N LEU A 331 -19.65 35.51 10.24
CA LEU A 331 -20.78 36.42 10.06
C LEU A 331 -20.44 37.84 10.49
N GLU A 332 -19.17 38.14 10.72
CA GLU A 332 -18.71 39.48 11.07
C GLU A 332 -17.24 39.65 10.75
N ASP A 333 -16.83 40.90 10.51
CA ASP A 333 -15.43 41.22 10.20
C ASP A 333 -14.53 40.98 11.40
N VAL A 334 -13.30 40.57 11.12
CA VAL A 334 -12.20 40.68 12.07
C VAL A 334 -11.15 41.55 11.36
N ASP A 335 -11.02 42.81 11.79
CA ASP A 335 -10.10 43.74 11.14
C ASP A 335 -8.70 43.17 11.11
N GLY A 336 -8.06 43.27 9.95
CA GLY A 336 -6.74 42.68 9.76
C GLY A 336 -6.75 41.18 9.54
N TRP A 337 -7.91 40.53 9.66
CA TRP A 337 -8.01 39.11 9.33
C TRP A 337 -9.27 38.87 8.47
N TYR A 338 -9.91 37.71 8.65
CA TYR A 338 -11.05 37.30 7.82
C TYR A 338 -12.16 38.34 7.82
N GLY A 339 -12.55 38.78 6.63
CA GLY A 339 -13.75 39.58 6.51
C GLY A 339 -15.00 38.75 6.75
N GLU A 340 -16.11 39.45 6.97
CA GLU A 340 -17.37 38.74 7.16
C GLU A 340 -17.68 37.93 5.91
N ARG A 341 -18.34 36.79 6.12
CA ARG A 341 -18.69 35.85 5.07
C ARG A 341 -17.47 35.21 4.43
N THR A 342 -16.39 35.07 5.19
CA THR A 342 -15.30 34.20 4.80
C THR A 342 -15.75 32.76 4.97
N LEU A 343 -15.52 31.94 3.96
CA LEU A 343 -15.80 30.52 4.00
C LEU A 343 -14.49 29.80 4.29
N THR A 344 -14.52 28.84 5.22
CA THR A 344 -13.27 28.19 5.60
C THR A 344 -13.54 26.77 6.10
N TRP A 345 -12.62 25.86 5.79
CA TRP A 345 -12.66 24.52 6.38
C TRP A 345 -11.24 23.94 6.31
N GLY A 346 -11.14 22.62 6.22
CA GLY A 346 -9.82 22.01 6.19
C GLY A 346 -9.91 20.52 6.03
N GLY A 347 -8.77 19.87 6.24
CA GLY A 347 -8.71 18.43 6.12
C GLY A 347 -7.85 17.89 7.25
N GLY A 348 -8.31 16.81 7.88
CA GLY A 348 -7.60 16.20 8.99
C GLY A 348 -7.19 17.20 10.06
N LEU A 349 -6.00 17.01 10.60
CA LEU A 349 -5.44 17.93 11.57
C LEU A 349 -4.43 18.91 10.96
N THR A 350 -4.06 18.74 9.67
CA THR A 350 -2.87 19.40 9.14
C THR A 350 -3.13 20.41 8.04
N LEU A 351 -4.34 20.49 7.51
CA LEU A 351 -4.63 21.28 6.34
C LEU A 351 -5.82 22.18 6.62
N THR A 352 -5.76 23.42 6.14
CA THR A 352 -6.89 24.32 6.26
C THR A 352 -6.89 25.26 5.04
N TRP A 353 -8.08 25.70 4.64
CA TRP A 353 -8.25 26.62 3.51
C TRP A 353 -9.29 27.66 3.88
N PHE A 354 -9.25 28.80 3.19
CA PHE A 354 -10.23 29.87 3.38
C PHE A 354 -10.47 30.61 2.08
N ILE A 355 -11.67 31.18 1.94
CA ILE A 355 -12.01 32.07 0.84
C ILE A 355 -12.66 33.31 1.43
N ASP A 356 -11.95 34.43 1.36
CA ASP A 356 -12.33 35.72 1.94
C ASP A 356 -12.67 36.68 0.80
N ARG A 357 -13.95 36.74 0.45
CA ARG A 357 -14.34 37.59 -0.67
C ARG A 357 -14.24 39.06 -0.27
N LYS A 358 -14.61 39.41 0.97
CA LYS A 358 -14.62 40.82 1.34
C LYS A 358 -13.23 41.43 1.23
N ASN A 359 -12.20 40.73 1.68
CA ASN A 359 -10.85 41.26 1.61
C ASN A 359 -10.08 40.75 0.39
N ASN A 360 -10.73 39.99 -0.48
CA ASN A 360 -10.14 39.52 -1.73
C ASN A 360 -8.87 38.70 -1.48
N LEU A 361 -9.04 37.58 -0.79
CA LEU A 361 -7.93 36.67 -0.54
C LEU A 361 -8.48 35.27 -0.34
N CYS A 362 -7.78 34.28 -0.89
CA CYS A 362 -8.04 32.88 -0.58
C CYS A 362 -6.71 32.16 -0.42
N GLY A 363 -6.74 30.97 0.17
CA GLY A 363 -5.51 30.22 0.33
C GLY A 363 -5.74 28.87 0.96
N VAL A 364 -4.73 28.02 0.82
CA VAL A 364 -4.68 26.73 1.49
C VAL A 364 -3.28 26.58 2.11
N GLY A 365 -3.25 26.08 3.35
CA GLY A 365 -2.01 25.73 4.02
C GLY A 365 -2.09 24.28 4.44
N ALA A 366 -1.11 23.48 4.04
CA ALA A 366 -1.17 22.03 4.20
C ALA A 366 0.13 21.56 4.84
N ILE A 367 0.12 21.32 6.14
CA ILE A 367 1.31 20.84 6.85
C ILE A 367 1.53 19.38 6.52
N GLN A 368 2.79 18.99 6.31
CA GLN A 368 3.14 17.60 6.06
C GLN A 368 3.81 17.06 7.33
N ALA A 369 3.02 16.41 8.19
CA ALA A 369 3.44 16.05 9.53
C ALA A 369 4.17 14.72 9.56
N VAL A 370 4.87 14.48 10.69
CA VAL A 370 5.58 13.23 10.97
C VAL A 370 4.79 12.47 12.02
N LEU A 371 4.58 11.18 11.78
CA LEU A 371 3.90 10.32 12.74
C LEU A 371 4.81 9.97 13.91
N PRO A 372 4.27 10.01 15.16
CA PRO A 372 2.90 10.35 15.54
C PRO A 372 2.64 11.86 15.53
N VAL A 373 1.45 12.24 15.11
CA VAL A 373 1.16 13.63 14.82
C VAL A 373 0.86 14.37 16.12
N ASP A 374 1.60 15.45 16.37
CA ASP A 374 1.38 16.32 17.52
C ASP A 374 0.22 17.26 17.21
N GLY A 375 -0.99 16.89 17.68
CA GLY A 375 -2.18 17.64 17.33
C GLY A 375 -2.12 19.10 17.77
N ASP A 376 -1.59 19.36 18.97
CA ASP A 376 -1.52 20.72 19.45
C ASP A 376 -0.60 21.56 18.59
N LEU A 377 0.50 20.99 18.13
CA LEU A 377 1.42 21.74 17.28
C LEU A 377 0.79 22.00 15.91
N MET A 378 0.04 21.03 15.39
CA MET A 378 -0.66 21.23 14.11
C MET A 378 -1.60 22.43 14.18
N ALA A 379 -2.36 22.57 15.28
CA ALA A 379 -3.24 23.73 15.41
C ALA A 379 -2.45 25.03 15.39
N ASP A 380 -1.32 25.08 16.10
CA ASP A 380 -0.51 26.29 16.04
C ASP A 380 0.01 26.55 14.62
N LEU A 381 0.51 25.52 13.95
CA LEU A 381 1.07 25.72 12.60
C LEU A 381 -0.02 26.19 11.63
N LYS A 382 -1.22 25.64 11.72
CA LYS A 382 -2.30 26.12 10.88
C LYS A 382 -2.64 27.57 11.18
N GLN A 383 -2.76 27.92 12.47
CA GLN A 383 -3.04 29.31 12.83
C GLN A 383 -1.94 30.23 12.32
N THR A 384 -0.69 29.78 12.39
CA THR A 384 0.40 30.60 11.90
C THR A 384 0.25 30.91 10.43
N PHE A 385 -0.07 29.89 9.61
CA PHE A 385 -0.41 30.14 8.22
C PHE A 385 -1.58 31.12 8.10
N ARG A 386 -2.67 30.87 8.83
CA ARG A 386 -3.89 31.66 8.61
C ARG A 386 -3.66 33.14 8.90
N HIS A 387 -2.80 33.47 9.89
CA HIS A 387 -2.55 34.87 10.22
C HIS A 387 -1.38 35.46 9.46
N ASP A 388 -0.29 34.69 9.29
CA ASP A 388 0.86 35.21 8.57
C ASP A 388 0.53 35.52 7.11
N ILE A 389 -0.39 34.78 6.50
CA ILE A 389 -0.67 35.08 5.10
C ILE A 389 -1.33 36.45 4.97
N TYR A 390 -2.13 36.86 5.97
CA TYR A 390 -2.68 38.21 5.96
C TYR A 390 -1.61 39.26 6.26
N ARG A 391 -0.64 38.93 7.10
CA ARG A 391 0.49 39.82 7.31
C ARG A 391 1.23 40.05 6.00
N LYS A 392 1.53 38.96 5.27
CA LYS A 392 2.21 39.07 3.99
C LYS A 392 1.39 39.85 2.97
N TYR A 393 0.07 39.67 2.99
CA TYR A 393 -0.81 40.40 2.08
C TYR A 393 -0.78 41.91 2.37
N SER A 394 -0.89 42.30 3.64
CA SER A 394 -0.81 43.72 3.99
C SER A 394 0.54 44.31 3.60
N ALA A 395 1.62 43.65 3.97
CA ALA A 395 2.94 44.12 3.57
C ALA A 395 3.00 44.39 2.07
N TRP A 396 2.49 43.47 1.26
CA TRP A 396 2.52 43.68 -0.19
C TRP A 396 1.65 44.87 -0.59
N LYS A 397 0.44 44.95 -0.05
CA LYS A 397 -0.43 46.09 -0.37
C LYS A 397 0.24 47.40 0.02
N GLY A 398 0.96 47.41 1.15
CA GLY A 398 1.62 48.62 1.60
C GLY A 398 2.77 49.04 0.71
N GLN A 399 3.32 48.10 -0.05
CA GLN A 399 4.47 48.37 -0.90
C GLN A 399 4.08 48.93 -2.25
N GLN A 400 2.79 49.01 -2.55
CA GLN A 400 2.33 49.46 -3.88
C GLN A 400 2.23 50.99 -4.04
N HIS B 1 -7.11 -33.30 -8.66
CA HIS B 1 -7.79 -33.08 -7.40
C HIS B 1 -7.47 -31.70 -6.91
N MET B 2 -6.58 -31.03 -7.65
CA MET B 2 -6.48 -29.57 -7.53
C MET B 2 -7.86 -28.92 -7.60
N ASP B 3 -8.69 -29.35 -8.56
CA ASP B 3 -9.93 -28.61 -8.80
C ASP B 3 -10.87 -28.71 -7.59
N THR B 4 -11.17 -29.92 -7.12
CA THR B 4 -12.04 -30.01 -5.96
C THR B 4 -11.33 -29.62 -4.68
N THR B 5 -10.00 -29.81 -4.59
CA THR B 5 -9.31 -29.39 -3.37
C THR B 5 -9.20 -27.87 -3.29
N PHE B 6 -8.81 -27.22 -4.40
CA PHE B 6 -8.72 -25.76 -4.39
C PHE B 6 -10.08 -25.12 -4.14
N GLN B 7 -11.14 -25.67 -4.73
CA GLN B 7 -12.48 -25.12 -4.53
C GLN B 7 -12.93 -25.26 -3.07
N ALA B 8 -12.63 -26.40 -2.43
CA ALA B 8 -12.98 -26.55 -1.02
C ALA B 8 -12.28 -25.48 -0.17
N ALA B 9 -11.04 -25.14 -0.51
CA ALA B 9 -10.30 -24.14 0.25
C ALA B 9 -10.83 -22.73 0.01
N ILE B 10 -11.33 -22.47 -1.20
CA ILE B 10 -12.01 -21.21 -1.45
C ILE B 10 -13.29 -21.10 -0.62
N ASP B 11 -14.08 -22.18 -0.60
CA ASP B 11 -15.37 -22.13 0.09
C ASP B 11 -15.18 -21.92 1.58
N THR B 12 -14.13 -22.50 2.18
CA THR B 12 -13.90 -22.22 3.59
C THR B 12 -13.32 -20.83 3.81
N GLY B 13 -13.04 -20.08 2.75
CA GLY B 13 -12.49 -18.76 2.89
C GLY B 13 -11.01 -18.69 3.25
N LYS B 14 -10.27 -19.80 3.16
CA LYS B 14 -8.86 -19.76 3.49
C LYS B 14 -7.96 -19.40 2.30
N ILE B 15 -8.45 -19.52 1.06
CA ILE B 15 -7.72 -19.01 -0.09
C ILE B 15 -8.69 -18.25 -1.00
N ASN B 16 -8.14 -17.35 -1.80
CA ASN B 16 -8.90 -16.69 -2.85
C ASN B 16 -8.78 -17.42 -4.19
N GLY B 17 -7.67 -18.11 -4.43
CA GLY B 17 -7.46 -18.74 -5.72
C GLY B 17 -6.09 -19.38 -5.81
N ALA B 18 -5.71 -19.71 -7.04
CA ALA B 18 -4.44 -20.39 -7.29
C ALA B 18 -4.07 -20.20 -8.73
N VAL B 19 -2.76 -20.27 -9.02
CA VAL B 19 -2.23 -20.30 -10.37
C VAL B 19 -1.29 -21.49 -10.50
N VAL B 20 -1.52 -22.32 -11.51
CA VAL B 20 -0.72 -23.50 -11.81
C VAL B 20 -0.32 -23.47 -13.28
N CYS B 21 0.99 -23.61 -13.55
CA CYS B 21 1.51 -23.72 -14.92
C CYS B 21 2.51 -24.86 -14.98
N ALA B 22 2.32 -25.77 -15.95
CA ALA B 22 3.19 -26.93 -16.10
C ALA B 22 3.34 -27.28 -17.56
N THR B 23 4.46 -27.91 -17.90
CA THR B 23 4.74 -28.23 -19.29
C THR B 23 5.91 -29.21 -19.37
N ASP B 24 5.89 -30.05 -20.40
CA ASP B 24 7.10 -30.79 -20.74
C ASP B 24 8.02 -29.90 -21.56
N ALA B 25 9.16 -30.45 -21.99
CA ALA B 25 10.18 -29.63 -22.63
C ALA B 25 9.71 -29.05 -23.95
N GLN B 26 8.95 -29.81 -24.73
CA GLN B 26 8.57 -29.38 -26.06
C GLN B 26 7.19 -28.76 -26.13
N GLY B 27 6.48 -28.65 -25.01
CA GLY B 27 5.14 -28.10 -25.07
C GLY B 27 4.11 -29.05 -25.62
N HIS B 28 4.36 -30.35 -25.55
CA HIS B 28 3.33 -31.30 -25.95
C HIS B 28 2.27 -31.42 -24.86
N PHE B 29 2.69 -31.76 -23.63
CA PHE B 29 1.81 -31.69 -22.47
C PHE B 29 1.93 -30.30 -21.83
N VAL B 30 0.82 -29.55 -21.84
CA VAL B 30 0.74 -28.23 -21.23
C VAL B 30 -0.50 -28.21 -20.35
N TYR B 31 -0.34 -27.79 -19.11
CA TYR B 31 -1.47 -27.57 -18.20
C TYR B 31 -1.29 -26.20 -17.56
N ASN B 32 -2.24 -25.30 -17.79
CA ASN B 32 -2.27 -23.95 -17.25
C ASN B 32 -3.67 -23.69 -16.71
N LYS B 33 -3.78 -23.38 -15.43
CA LYS B 33 -5.09 -23.14 -14.83
C LYS B 33 -4.98 -22.04 -13.78
N ALA B 34 -5.80 -21.01 -13.91
CA ALA B 34 -6.04 -20.08 -12.83
C ALA B 34 -7.43 -20.37 -12.24
N THR B 35 -7.51 -20.32 -10.93
CA THR B 35 -8.68 -20.73 -10.18
C THR B 35 -9.07 -19.62 -9.21
N GLY B 36 -10.37 -19.38 -9.05
CA GLY B 36 -10.83 -18.46 -8.01
C GLY B 36 -10.85 -17.00 -8.41
N GLU B 37 -10.60 -16.09 -7.45
CA GLU B 37 -10.72 -14.65 -7.66
C GLU B 37 -9.61 -13.91 -6.94
N ARG B 38 -9.33 -12.69 -7.42
CA ARG B 38 -8.49 -11.69 -6.78
C ARG B 38 -9.34 -10.47 -6.43
N THR B 39 -8.87 -9.71 -5.44
CA THR B 39 -9.48 -8.45 -5.05
C THR B 39 -8.52 -7.30 -5.36
N LEU B 40 -9.01 -6.30 -6.07
CA LEU B 40 -8.23 -5.09 -6.35
C LEU B 40 -8.23 -4.15 -5.16
N LEU B 41 -7.29 -3.19 -5.18
CA LEU B 41 -7.18 -2.22 -4.09
C LEU B 41 -8.47 -1.45 -3.91
N SER B 42 -9.18 -1.21 -5.01
CA SER B 42 -10.46 -0.52 -5.01
C SER B 42 -11.58 -1.28 -4.30
N GLY B 43 -11.40 -2.56 -3.98
CA GLY B 43 -12.46 -3.40 -3.45
C GLY B 43 -13.23 -4.21 -4.48
N GLU B 44 -13.01 -3.98 -5.77
CA GLU B 44 -13.64 -4.78 -6.83
C GLU B 44 -12.95 -6.13 -7.00
N LYS B 45 -13.72 -7.11 -7.49
CA LYS B 45 -13.22 -8.47 -7.64
C LYS B 45 -13.23 -8.86 -9.11
N GLN B 46 -12.25 -9.67 -9.50
CA GLN B 46 -12.07 -10.24 -10.83
C GLN B 46 -11.73 -11.72 -10.71
N PRO B 47 -12.04 -12.52 -11.73
CA PRO B 47 -11.50 -13.88 -11.76
C PRO B 47 -9.96 -13.87 -11.76
N GLN B 48 -9.39 -14.81 -11.03
CA GLN B 48 -7.96 -15.08 -11.15
C GLN B 48 -7.64 -15.41 -12.60
N GLN B 49 -6.51 -14.91 -13.08
CA GLN B 49 -6.10 -15.16 -14.46
C GLN B 49 -4.63 -15.51 -14.49
N LEU B 50 -4.25 -16.31 -15.50
CA LEU B 50 -2.89 -16.82 -15.65
C LEU B 50 -1.85 -15.73 -15.84
N ASP B 51 -2.23 -14.53 -16.27
CA ASP B 51 -1.25 -13.45 -16.32
C ASP B 51 -1.41 -12.45 -15.18
N ASP B 52 -2.09 -12.81 -14.10
CA ASP B 52 -1.98 -12.01 -12.89
C ASP B 52 -0.52 -11.96 -12.44
N VAL B 53 -0.08 -10.80 -11.92
CA VAL B 53 1.33 -10.67 -11.52
C VAL B 53 1.47 -11.19 -10.10
N LEU B 54 2.29 -12.22 -9.92
CA LEU B 54 2.42 -12.91 -8.66
C LEU B 54 3.65 -12.41 -7.94
N TYR B 55 3.61 -12.44 -6.61
CA TYR B 55 4.83 -12.30 -5.81
C TYR B 55 5.59 -13.63 -5.80
N LEU B 56 6.85 -13.63 -6.24
CA LEU B 56 7.60 -14.88 -6.31
C LEU B 56 8.15 -15.33 -4.95
N ALA B 57 8.47 -14.38 -4.07
CA ALA B 57 9.17 -14.67 -2.81
C ALA B 57 10.45 -15.44 -3.17
N ALA B 58 10.78 -16.51 -2.46
CA ALA B 58 12.05 -17.18 -2.67
C ALA B 58 12.15 -17.89 -4.02
N ALA B 59 11.09 -17.95 -4.82
CA ALA B 59 11.27 -18.41 -6.20
C ALA B 59 12.17 -17.45 -6.98
N THR B 60 12.38 -16.23 -6.46
CA THR B 60 13.40 -15.34 -6.97
C THR B 60 14.76 -16.01 -6.99
N LYS B 61 15.02 -16.91 -6.02
CA LYS B 61 16.36 -17.48 -5.87
C LYS B 61 16.79 -18.24 -7.12
N LEU B 62 15.86 -18.95 -7.77
CA LEU B 62 16.21 -19.64 -9.01
C LEU B 62 16.63 -18.65 -10.08
N ILE B 63 15.96 -17.49 -10.16
CA ILE B 63 16.30 -16.55 -11.21
C ILE B 63 17.62 -15.88 -10.89
N THR B 64 17.84 -15.52 -9.64
CA THR B 64 19.13 -14.95 -9.28
C THR B 64 20.25 -15.96 -9.52
N THR B 65 19.97 -17.25 -9.29
CA THR B 65 20.94 -18.31 -9.54
C THR B 65 21.35 -18.31 -11.01
N ILE B 66 20.35 -18.27 -11.91
CA ILE B 66 20.63 -18.21 -13.34
C ILE B 66 21.49 -17.00 -13.69
N ALA B 67 21.06 -15.82 -13.23
CA ALA B 67 21.81 -14.59 -13.50
C ALA B 67 23.27 -14.72 -13.07
N ALA B 68 23.52 -15.26 -11.87
CA ALA B 68 24.90 -15.42 -11.42
C ALA B 68 25.67 -16.41 -12.27
N LEU B 69 25.03 -17.51 -12.68
CA LEU B 69 25.69 -18.46 -13.56
C LEU B 69 25.93 -17.86 -14.94
N GLN B 70 25.11 -16.89 -15.35
CA GLN B 70 25.39 -16.20 -16.60
C GLN B 70 26.63 -15.32 -16.48
N CYS B 71 26.83 -14.72 -15.30
CA CYS B 71 28.07 -14.01 -15.08
C CYS B 71 29.26 -14.96 -15.10
N VAL B 72 29.08 -16.19 -14.63
CA VAL B 72 30.14 -17.19 -14.74
C VAL B 72 30.47 -17.46 -16.20
N GLU B 73 29.46 -17.70 -17.04
CA GLU B 73 29.69 -17.87 -18.47
C GLU B 73 30.46 -16.70 -19.06
N ASP B 74 30.09 -15.48 -18.70
CA ASP B 74 30.77 -14.30 -19.23
C ASP B 74 32.21 -14.19 -18.75
N GLY B 75 32.62 -15.02 -17.79
CA GLY B 75 33.93 -14.86 -17.20
C GLY B 75 34.03 -13.84 -16.10
N LEU B 76 32.91 -13.25 -15.68
CA LEU B 76 32.97 -12.22 -14.64
C LEU B 76 33.07 -12.82 -13.25
N LEU B 77 32.74 -14.10 -13.10
CA LEU B 77 32.81 -14.80 -11.82
C LEU B 77 33.18 -16.24 -12.10
N SER B 78 33.55 -16.96 -11.05
CA SER B 78 33.63 -18.40 -11.13
C SER B 78 32.88 -18.98 -9.95
N LEU B 79 32.54 -20.27 -10.07
CA LEU B 79 31.80 -20.90 -8.98
C LEU B 79 32.64 -20.98 -7.72
N ASP B 80 33.93 -21.30 -7.87
CA ASP B 80 34.78 -21.58 -6.73
C ASP B 80 35.75 -20.45 -6.40
N GLY B 81 35.72 -19.33 -7.13
CA GLY B 81 36.66 -18.25 -6.88
C GLY B 81 36.42 -17.53 -5.57
N ASP B 82 37.45 -16.82 -5.12
CA ASP B 82 37.41 -16.07 -3.87
C ASP B 82 36.61 -14.79 -4.10
N LEU B 83 35.53 -14.60 -3.34
CA LEU B 83 34.67 -13.43 -3.48
C LEU B 83 35.05 -12.30 -2.52
N SER B 84 36.16 -12.44 -1.79
CA SER B 84 36.44 -11.49 -0.71
C SER B 84 36.66 -10.08 -1.24
N SER B 85 37.13 -9.94 -2.48
CA SER B 85 37.44 -8.62 -3.03
C SER B 85 36.20 -7.91 -3.55
N ILE B 86 35.30 -8.63 -4.22
CA ILE B 86 34.05 -8.04 -4.70
C ILE B 86 33.08 -7.80 -3.54
N ALA B 87 33.08 -8.67 -2.54
CA ALA B 87 32.15 -8.58 -1.42
C ALA B 87 32.92 -8.57 -0.11
N PRO B 88 33.63 -7.49 0.19
CA PRO B 88 34.41 -7.46 1.45
C PRO B 88 33.56 -7.63 2.70
N GLU B 89 32.27 -7.29 2.64
CA GLU B 89 31.40 -7.51 3.79
C GLU B 89 31.31 -8.99 4.13
N LEU B 90 31.33 -9.86 3.12
CA LEU B 90 31.32 -11.29 3.39
C LEU B 90 32.66 -11.73 4.01
N ALA B 91 33.78 -11.28 3.46
CA ALA B 91 35.08 -11.67 3.99
C ALA B 91 35.23 -11.30 5.46
N ALA B 92 34.60 -10.20 5.89
CA ALA B 92 34.79 -9.66 7.22
C ALA B 92 33.93 -10.33 8.28
N LYS B 93 33.00 -11.20 7.90
CA LYS B 93 32.17 -11.90 8.87
C LYS B 93 32.97 -12.97 9.59
N TYR B 94 32.80 -13.06 10.90
CA TYR B 94 33.35 -14.14 11.69
C TYR B 94 32.32 -15.27 11.83
N VAL B 95 32.71 -16.37 12.47
CA VAL B 95 31.84 -17.51 12.64
C VAL B 95 31.37 -17.51 14.08
N LEU B 96 30.06 -17.31 14.27
CA LEU B 96 29.50 -17.35 15.62
C LEU B 96 29.44 -18.79 16.12
N THR B 97 30.16 -19.07 17.21
CA THR B 97 30.21 -20.39 17.82
C THR B 97 29.33 -20.54 19.06
N GLY B 98 28.88 -19.46 19.66
CA GLY B 98 28.03 -19.55 20.83
C GLY B 98 28.15 -18.30 21.69
N PHE B 99 27.74 -18.45 22.95
CA PHE B 99 27.74 -17.37 23.91
C PHE B 99 28.26 -17.87 25.25
N THR B 100 28.79 -16.95 26.04
CA THR B 100 29.15 -17.22 27.43
C THR B 100 27.89 -17.16 28.30
N ASP B 101 28.05 -17.16 29.63
CA ASP B 101 26.96 -16.82 30.54
C ASP B 101 26.89 -15.32 30.79
N ASP B 102 28.00 -14.62 30.54
CA ASP B 102 27.96 -13.21 30.18
C ASP B 102 26.91 -12.94 29.08
N GLU B 103 26.60 -13.93 28.24
CA GLU B 103 25.80 -13.76 27.01
C GLU B 103 26.51 -12.88 25.98
N SER B 104 27.92 -12.95 25.98
CA SER B 104 28.82 -12.32 25.01
C SER B 104 29.15 -13.30 23.89
N PRO B 105 29.30 -12.82 22.66
CA PRO B 105 29.44 -13.74 21.52
C PRO B 105 30.85 -14.31 21.44
N LEU B 106 30.91 -15.62 21.34
CA LEU B 106 32.15 -16.33 21.04
C LEU B 106 32.14 -16.58 19.54
N ASP B 107 33.18 -16.12 18.84
CA ASP B 107 33.28 -16.34 17.41
C ASP B 107 34.64 -16.96 17.08
N ASP B 108 34.87 -17.23 15.81
CA ASP B 108 36.15 -17.65 15.25
C ASP B 108 36.28 -17.02 13.88
N PRO B 109 37.50 -16.70 13.46
CA PRO B 109 37.70 -16.20 12.09
C PRO B 109 37.34 -17.25 11.07
N PRO B 110 36.96 -16.86 9.85
CA PRO B 110 36.63 -17.85 8.83
C PRO B 110 37.86 -18.61 8.36
N ALA B 111 37.69 -19.93 8.18
CA ALA B 111 38.81 -20.78 7.77
C ALA B 111 39.16 -20.67 6.30
N ARG B 112 38.26 -20.12 5.48
CA ARG B 112 38.45 -20.10 4.04
C ARG B 112 37.54 -19.04 3.44
N PRO B 113 37.82 -18.61 2.23
CA PRO B 113 36.96 -17.60 1.60
C PRO B 113 35.60 -18.17 1.25
N ILE B 114 34.61 -17.27 1.16
CA ILE B 114 33.27 -17.58 0.69
C ILE B 114 33.27 -17.50 -0.82
N THR B 115 32.59 -18.44 -1.49
CA THR B 115 32.57 -18.55 -2.94
C THR B 115 31.14 -18.43 -3.46
N LEU B 116 31.02 -18.21 -4.77
CA LEU B 116 29.69 -18.15 -5.39
C LEU B 116 28.92 -19.45 -5.16
N LYS B 117 29.60 -20.60 -5.32
CA LYS B 117 28.94 -21.88 -5.10
C LYS B 117 28.33 -21.96 -3.71
N MET B 118 29.06 -21.47 -2.70
CA MET B 118 28.54 -21.46 -1.35
C MET B 118 27.30 -20.57 -1.22
N LEU B 119 27.32 -19.41 -1.90
CA LEU B 119 26.16 -18.53 -1.82
C LEU B 119 24.93 -19.21 -2.42
N LEU B 120 25.10 -19.86 -3.58
CA LEU B 120 23.99 -20.46 -4.30
C LEU B 120 23.41 -21.67 -3.58
N THR B 121 24.19 -22.34 -2.73
CA THR B 121 23.76 -23.59 -2.12
C THR B 121 23.54 -23.46 -0.62
N HIS B 122 23.60 -22.23 -0.08
CA HIS B 122 23.33 -21.98 1.33
C HIS B 122 24.33 -22.73 2.22
N SER B 123 25.56 -22.83 1.75
CA SER B 123 26.62 -23.46 2.53
C SER B 123 27.73 -22.46 2.85
N SER B 124 27.45 -21.15 2.75
CA SER B 124 28.45 -20.13 3.06
C SER B 124 28.54 -19.83 4.54
N GLY B 125 27.50 -20.13 5.31
CA GLY B 125 27.40 -19.69 6.68
C GLY B 125 26.35 -18.62 6.92
N THR B 126 25.96 -17.85 5.89
CA THR B 126 24.95 -16.80 6.07
C THR B 126 23.58 -17.45 6.19
N SER B 127 22.92 -17.22 7.33
CA SER B 127 21.68 -17.86 7.72
C SER B 127 20.61 -16.81 8.02
N TYR B 128 19.36 -17.15 7.73
CA TYR B 128 18.24 -16.30 8.09
C TYR B 128 18.10 -16.27 9.62
N HIS B 129 18.00 -15.06 10.18
CA HIS B 129 17.89 -14.95 11.63
C HIS B 129 16.68 -15.69 12.18
N PHE B 130 15.59 -15.77 11.41
CA PHE B 130 14.36 -16.42 11.87
C PHE B 130 14.41 -17.93 11.75
N LEU B 131 15.50 -18.50 11.23
CA LEU B 131 15.69 -19.95 11.24
C LEU B 131 16.85 -20.39 12.11
N ASP B 132 17.75 -19.48 12.45
CA ASP B 132 18.92 -19.87 13.20
C ASP B 132 18.80 -19.24 14.59
N PRO B 133 18.48 -20.02 15.62
CA PRO B 133 18.25 -19.40 16.94
C PRO B 133 19.45 -18.61 17.42
N SER B 134 20.65 -19.11 17.14
CA SER B 134 21.87 -18.43 17.53
C SER B 134 22.00 -17.07 16.86
N ILE B 135 21.77 -17.02 15.55
CA ILE B 135 21.82 -15.76 14.82
C ILE B 135 20.71 -14.83 15.26
N ALA B 136 19.55 -15.39 15.62
CA ALA B 136 18.47 -14.57 16.17
C ALA B 136 18.91 -13.79 17.41
N LYS B 137 19.56 -14.47 18.37
CA LYS B 137 20.04 -13.80 19.57
C LYS B 137 21.03 -12.67 19.25
N TRP B 138 22.05 -12.97 18.45
CA TRP B 138 23.03 -11.96 18.07
C TRP B 138 22.35 -10.74 17.46
N ARG B 139 21.35 -10.98 16.60
CA ARG B 139 20.57 -9.89 16.02
C ARG B 139 19.83 -9.10 17.09
N ALA B 140 19.28 -9.79 18.09
CA ALA B 140 18.57 -9.10 19.16
C ALA B 140 19.44 -8.05 19.83
N GLN B 141 20.70 -8.41 20.10
CA GLN B 141 21.62 -7.52 20.80
C GLN B 141 22.22 -6.46 19.87
N TYR B 142 23.19 -6.85 19.02
CA TYR B 142 23.99 -5.92 18.22
C TYR B 142 23.30 -5.49 16.94
N ALA B 143 22.02 -5.79 16.79
CA ALA B 143 21.19 -5.23 15.74
C ALA B 143 19.95 -4.66 16.40
N ASN B 144 20.16 -4.15 17.62
CA ASN B 144 19.22 -3.33 18.35
C ASN B 144 18.57 -2.22 17.51
N PRO B 145 19.32 -1.41 16.71
CA PRO B 145 18.63 -0.38 15.94
C PRO B 145 17.86 -0.97 14.76
N GLU B 146 16.53 -0.96 14.90
CA GLU B 146 15.63 -1.25 13.80
C GLU B 146 15.19 0.10 13.26
N ASN B 147 16.09 0.69 12.46
CA ASN B 147 15.95 2.08 12.03
C ASN B 147 14.70 2.32 11.21
N GLU B 148 14.16 1.28 10.57
CA GLU B 148 13.03 1.38 9.66
C GLU B 148 13.39 2.15 8.39
N LYS B 149 14.54 2.82 8.41
CA LYS B 149 15.10 3.41 7.19
C LYS B 149 15.52 2.30 6.23
N PRO B 150 14.96 2.24 5.02
CA PRO B 150 15.24 1.09 4.14
C PRO B 150 16.72 0.86 3.91
N ARG B 151 17.11 -0.41 3.90
CA ARG B 151 18.49 -0.85 3.85
C ARG B 151 18.78 -1.67 2.60
N LEU B 152 19.94 -1.44 1.99
CA LEU B 152 20.43 -2.33 0.96
C LEU B 152 20.74 -3.72 1.53
N VAL B 153 21.04 -4.65 0.62
CA VAL B 153 21.38 -6.01 1.02
C VAL B 153 22.49 -6.00 2.07
N GLU B 154 23.61 -5.33 1.76
CA GLU B 154 24.76 -5.36 2.65
C GLU B 154 24.48 -4.65 3.97
N GLU B 155 23.54 -3.69 3.99
CA GLU B 155 23.14 -3.01 5.21
C GLU B 155 22.09 -3.78 5.99
N MET B 156 21.46 -4.76 5.37
CA MET B 156 20.45 -5.54 6.07
C MET B 156 21.02 -6.80 6.72
N PHE B 157 21.88 -7.53 6.01
CA PHE B 157 22.36 -8.84 6.48
C PHE B 157 23.77 -8.66 7.02
N THR B 158 23.84 -8.12 8.24
CA THR B 158 25.09 -7.74 8.89
C THR B 158 25.56 -8.75 9.92
N TYR B 159 24.91 -9.90 10.01
CA TYR B 159 25.13 -10.87 11.06
C TYR B 159 26.37 -11.71 10.77
N PRO B 160 26.94 -12.37 11.78
CA PRO B 160 28.06 -13.27 11.55
C PRO B 160 27.62 -14.56 10.87
N LEU B 161 28.61 -15.28 10.34
CA LEU B 161 28.35 -16.59 9.78
C LEU B 161 27.93 -17.54 10.89
N SER B 162 27.11 -18.52 10.51
CA SER B 162 26.64 -19.52 11.45
C SER B 162 27.56 -20.73 11.53
N PHE B 163 28.48 -20.90 10.60
CA PHE B 163 29.37 -22.06 10.60
C PHE B 163 30.49 -21.73 9.63
N GLN B 164 31.51 -22.55 9.63
CA GLN B 164 32.64 -22.30 8.76
C GLN B 164 32.24 -22.44 7.30
N PRO B 165 32.59 -21.48 6.44
CA PRO B 165 32.22 -21.55 5.03
C PRO B 165 32.49 -22.90 4.38
N GLY B 166 31.47 -23.46 3.75
CA GLY B 166 31.60 -24.69 3.01
C GLY B 166 31.28 -25.95 3.78
N THR B 167 31.21 -25.88 5.12
CA THR B 167 31.11 -27.07 5.95
C THR B 167 29.72 -27.27 6.57
N GLY B 168 28.77 -26.38 6.30
CA GLY B 168 27.44 -26.51 6.87
C GLY B 168 26.41 -26.17 5.81
N TRP B 169 25.14 -26.23 6.21
CA TRP B 169 24.04 -25.81 5.35
C TRP B 169 23.01 -25.11 6.21
N MET B 170 22.65 -23.88 5.84
CA MET B 170 21.47 -23.27 6.44
C MET B 170 20.94 -22.25 5.47
N TYR B 171 19.64 -22.35 5.21
CA TYR B 171 18.92 -21.43 4.35
C TYR B 171 19.12 -19.98 4.81
N GLY B 172 19.44 -19.09 3.87
CA GLY B 172 19.75 -17.73 4.24
C GLY B 172 19.90 -16.78 3.06
N PRO B 173 20.53 -15.63 3.32
CA PRO B 173 20.60 -14.57 2.31
C PRO B 173 21.65 -14.78 1.23
N GLY B 174 22.07 -16.02 1.02
CA GLY B 174 23.12 -16.29 0.06
C GLY B 174 22.84 -15.75 -1.34
N LEU B 175 21.56 -15.74 -1.75
CA LEU B 175 21.23 -15.24 -3.08
C LEU B 175 21.03 -13.73 -3.13
N ASP B 176 20.70 -13.11 -2.00
CA ASP B 176 20.77 -11.65 -1.90
C ASP B 176 22.20 -11.16 -2.06
N TRP B 177 23.13 -11.82 -1.36
CA TRP B 177 24.54 -11.53 -1.57
C TRP B 177 24.92 -11.79 -3.01
N ALA B 178 24.46 -12.91 -3.57
CA ALA B 178 24.83 -13.24 -4.94
C ALA B 178 24.30 -12.21 -5.92
N GLY B 179 23.09 -11.71 -5.70
CA GLY B 179 22.55 -10.65 -6.55
C GLY B 179 23.37 -9.37 -6.49
N ARG B 180 23.80 -8.96 -5.29
CA ARG B 180 24.65 -7.78 -5.15
C ARG B 180 25.97 -7.95 -5.90
N VAL B 181 26.58 -9.14 -5.76
CA VAL B 181 27.80 -9.44 -6.50
C VAL B 181 27.57 -9.26 -7.99
N VAL B 182 26.44 -9.76 -8.50
CA VAL B 182 26.13 -9.57 -9.91
C VAL B 182 26.06 -8.08 -10.26
N GLU B 183 25.48 -7.27 -9.37
CA GLU B 183 25.43 -5.83 -9.65
C GLU B 183 26.83 -5.22 -9.68
N ARG B 184 27.68 -5.60 -8.73
CA ARG B 184 29.02 -5.03 -8.66
C ARG B 184 29.86 -5.40 -9.87
N VAL B 185 29.78 -6.65 -10.34
CA VAL B 185 30.65 -7.05 -11.45
C VAL B 185 30.08 -6.65 -12.80
N THR B 186 28.77 -6.38 -12.89
CA THR B 186 28.20 -5.89 -14.14
C THR B 186 28.10 -4.38 -14.21
N GLY B 187 28.11 -3.69 -13.07
CA GLY B 187 28.01 -2.26 -13.08
C GLY B 187 26.62 -1.73 -13.34
N GLY B 188 25.61 -2.56 -13.16
CA GLY B 188 24.23 -2.13 -13.27
C GLY B 188 23.35 -2.83 -12.26
N THR B 189 22.04 -2.59 -12.32
CA THR B 189 21.14 -3.19 -11.36
C THR B 189 20.88 -4.66 -11.70
N LEU B 190 20.46 -5.41 -10.69
CA LEU B 190 20.06 -6.79 -10.92
C LEU B 190 18.92 -6.85 -11.92
N MET B 191 17.95 -5.94 -11.81
CA MET B 191 16.83 -5.94 -12.75
C MET B 191 17.31 -5.68 -14.17
N GLU B 192 18.22 -4.72 -14.34
CA GLU B 192 18.76 -4.42 -15.67
C GLU B 192 19.40 -5.66 -16.27
N PHE B 193 20.21 -6.37 -15.48
CA PHE B 193 20.85 -7.58 -15.98
C PHE B 193 19.82 -8.66 -16.30
N MET B 194 18.88 -8.90 -15.38
CA MET B 194 17.84 -9.90 -15.62
C MET B 194 16.99 -9.57 -16.83
N GLN B 195 16.63 -8.30 -17.02
CA GLN B 195 15.83 -7.96 -18.19
C GLN B 195 16.58 -8.29 -19.47
N LYS B 196 17.89 -8.01 -19.50
CA LYS B 196 18.65 -8.23 -20.73
C LYS B 196 18.91 -9.71 -20.98
N ARG B 197 19.33 -10.45 -19.94
CA ARG B 197 19.89 -11.78 -20.13
C ARG B 197 18.92 -12.92 -19.89
N ILE B 198 17.79 -12.68 -19.21
CA ILE B 198 16.83 -13.71 -18.90
C ILE B 198 15.45 -13.39 -19.48
N PHE B 199 14.95 -12.18 -19.22
CA PHE B 199 13.59 -11.85 -19.63
C PHE B 199 13.50 -11.59 -21.12
N ASP B 200 14.35 -10.71 -21.66
CA ASP B 200 14.30 -10.39 -23.10
C ASP B 200 14.39 -11.62 -23.98
N PRO B 201 15.34 -12.55 -23.78
CA PRO B 201 15.39 -13.73 -24.67
C PRO B 201 14.14 -14.57 -24.62
N LEU B 202 13.35 -14.49 -23.54
CA LEU B 202 12.13 -15.28 -23.44
C LEU B 202 10.87 -14.50 -23.79
N GLY B 203 11.00 -13.25 -24.22
CA GLY B 203 9.84 -12.43 -24.47
C GLY B 203 9.09 -12.01 -23.23
N ILE B 204 9.75 -11.97 -22.08
CA ILE B 204 9.13 -11.57 -20.81
C ILE B 204 9.31 -10.06 -20.68
N THR B 205 8.20 -9.33 -20.52
CA THR B 205 8.26 -7.89 -20.33
C THR B 205 7.61 -7.43 -19.05
N ASP B 206 7.04 -8.32 -18.24
CA ASP B 206 6.20 -7.93 -17.11
C ASP B 206 6.76 -8.31 -15.75
N SER B 207 7.94 -7.82 -15.39
CA SER B 207 8.58 -8.22 -14.16
C SER B 207 9.19 -6.99 -13.47
N GLN B 208 9.15 -6.99 -12.14
CA GLN B 208 9.80 -5.95 -11.33
C GLN B 208 10.09 -6.52 -9.95
N PHE B 209 11.15 -6.00 -9.33
CA PHE B 209 11.45 -6.26 -7.93
C PHE B 209 10.57 -5.40 -7.03
N TYR B 210 10.35 -5.88 -5.81
CA TYR B 210 9.76 -5.03 -4.79
C TYR B 210 10.61 -3.78 -4.62
N PRO B 211 9.98 -2.59 -4.58
CA PRO B 211 8.55 -2.34 -4.72
C PRO B 211 8.13 -2.19 -6.18
N VAL B 212 6.95 -2.70 -6.52
CA VAL B 212 6.44 -2.66 -7.89
C VAL B 212 5.87 -1.26 -8.14
N THR B 213 6.49 -0.54 -9.07
CA THR B 213 6.04 0.81 -9.42
C THR B 213 5.25 0.91 -10.72
N ARG B 214 5.47 0.02 -11.69
CA ARG B 214 4.85 0.15 -13.01
C ARG B 214 3.33 0.05 -12.91
N GLU B 215 2.65 1.04 -13.49
CA GLU B 215 1.20 1.08 -13.41
C GLU B 215 0.56 -0.15 -14.03
N ASP B 216 1.05 -0.61 -15.18
CA ASP B 216 0.42 -1.76 -15.82
C ASP B 216 0.57 -3.02 -14.97
N LEU B 217 1.73 -3.21 -14.32
CA LEU B 217 1.90 -4.38 -13.46
C LEU B 217 1.05 -4.28 -12.19
N ARG B 218 1.02 -3.10 -11.57
CA ARG B 218 0.25 -2.93 -10.34
C ARG B 218 -1.21 -3.25 -10.56
N ALA B 219 -1.75 -2.89 -11.73
CA ALA B 219 -3.14 -3.19 -12.10
C ALA B 219 -3.43 -4.69 -12.13
N ARG B 220 -2.39 -5.54 -12.14
CA ARG B 220 -2.56 -6.98 -12.17
C ARG B 220 -1.93 -7.68 -10.97
N LEU B 221 -1.46 -6.91 -9.97
CA LEU B 221 -0.88 -7.51 -8.77
C LEU B 221 -1.95 -8.17 -7.93
N VAL B 222 -1.83 -9.50 -7.74
CA VAL B 222 -2.71 -10.20 -6.80
C VAL B 222 -2.55 -9.65 -5.39
N ASP B 223 -1.32 -9.34 -4.98
CA ASP B 223 -1.00 -8.98 -3.60
C ASP B 223 -1.14 -7.47 -3.32
N LEU B 224 -1.66 -6.70 -4.26
CA LEU B 224 -2.02 -5.29 -4.04
C LEU B 224 -3.53 -5.25 -3.85
N ASN B 225 -3.97 -5.22 -2.60
CA ASN B 225 -5.37 -5.41 -2.27
C ASN B 225 -5.61 -4.79 -0.89
N PRO B 226 -6.88 -4.73 -0.43
CA PRO B 226 -7.13 -4.09 0.88
C PRO B 226 -6.43 -4.75 2.06
N SER B 227 -6.13 -6.05 2.00
CA SER B 227 -5.36 -6.73 3.07
C SER B 227 -3.87 -6.47 2.98
N ASP B 228 -3.40 -5.94 1.86
CA ASP B 228 -1.96 -5.75 1.61
C ASP B 228 -1.81 -4.49 0.77
N PRO B 229 -2.17 -3.32 1.28
CA PRO B 229 -2.10 -2.11 0.45
C PRO B 229 -0.67 -1.73 0.10
N GLY B 230 0.32 -2.23 0.82
CA GLY B 230 1.71 -2.04 0.44
C GLY B 230 2.25 -2.93 -0.66
N ALA B 231 1.44 -3.87 -1.17
CA ALA B 231 1.91 -4.90 -2.09
C ALA B 231 3.23 -5.51 -1.61
N LEU B 232 3.22 -5.93 -0.34
CA LEU B 232 4.38 -6.52 0.30
C LEU B 232 4.47 -8.02 0.08
N GLY B 233 3.40 -8.66 -0.39
CA GLY B 233 3.41 -10.10 -0.51
C GLY B 233 3.08 -10.83 0.77
N SER B 234 2.37 -10.18 1.71
CA SER B 234 2.07 -10.74 3.01
C SER B 234 1.46 -12.13 2.93
N ALA B 235 0.44 -12.32 2.08
CA ALA B 235 -0.23 -13.62 2.03
C ALA B 235 0.72 -14.74 1.61
N VAL B 236 1.70 -14.44 0.75
CA VAL B 236 2.60 -15.47 0.26
C VAL B 236 3.54 -15.94 1.36
N ILE B 237 4.08 -15.00 2.14
CA ILE B 237 5.08 -15.32 3.14
C ILE B 237 4.46 -15.47 4.53
N GLY B 238 3.17 -15.78 4.59
CA GLY B 238 2.50 -16.13 5.82
C GLY B 238 2.04 -14.98 6.70
N GLY B 239 2.28 -13.73 6.30
CA GLY B 239 1.78 -12.62 7.11
C GLY B 239 2.78 -11.52 7.39
N GLY B 240 3.93 -11.56 6.72
CA GLY B 240 4.93 -10.53 6.97
C GLY B 240 4.84 -9.32 6.05
N GLY B 241 5.89 -9.16 5.26
CA GLY B 241 6.19 -7.95 4.51
C GLY B 241 7.25 -7.08 5.15
N GLU B 242 7.58 -7.34 6.43
CA GLU B 242 8.56 -6.51 7.14
C GLU B 242 9.88 -6.44 6.38
N MET B 243 10.36 -7.59 5.90
CA MET B 243 11.67 -7.58 5.24
C MET B 243 11.60 -6.82 3.91
N ASN B 244 10.49 -6.95 3.17
CA ASN B 244 10.34 -6.12 1.98
C ASN B 244 10.30 -4.66 2.34
N LEU B 245 9.50 -4.31 3.35
CA LEU B 245 9.33 -2.93 3.78
C LEU B 245 10.67 -2.29 4.19
N ARG B 246 11.53 -3.05 4.86
CA ARG B 246 12.78 -2.55 5.41
C ARG B 246 13.92 -2.48 4.41
N GLY B 247 13.71 -2.91 3.18
CA GLY B 247 14.79 -2.97 2.20
C GLY B 247 14.69 -1.96 1.07
N ARG B 248 15.80 -1.67 0.39
CA ARG B 248 15.77 -0.88 -0.83
C ARG B 248 16.74 -1.50 -1.83
N GLY B 249 16.41 -1.36 -3.12
CA GLY B 249 17.16 -2.01 -4.17
C GLY B 249 16.66 -3.43 -4.33
N ALA B 250 17.23 -4.13 -5.32
CA ALA B 250 16.77 -5.49 -5.56
C ALA B 250 17.28 -6.45 -4.48
N PHE B 251 16.40 -7.37 -4.04
CA PHE B 251 16.77 -8.45 -3.13
C PHE B 251 16.68 -9.76 -3.93
N GLY B 252 17.84 -10.26 -4.35
CA GLY B 252 17.92 -11.47 -5.15
C GLY B 252 17.43 -12.72 -4.45
N GLY B 253 17.19 -12.64 -3.14
CA GLY B 253 16.73 -13.75 -2.40
C GLY B 253 15.24 -13.95 -2.70
N HIS B 254 14.54 -12.87 -2.71
CA HIS B 254 13.10 -12.94 -2.50
C HIS B 254 12.26 -11.84 -3.13
N GLY B 255 12.80 -10.93 -3.83
CA GLY B 255 12.13 -9.70 -4.20
C GLY B 255 11.29 -9.65 -5.47
N LEU B 256 11.31 -10.69 -6.31
CA LEU B 256 10.76 -10.56 -7.67
C LEU B 256 9.26 -10.80 -7.73
N PHE B 257 8.62 -10.08 -8.66
CA PHE B 257 7.24 -10.30 -9.08
C PHE B 257 7.21 -10.69 -10.55
N LEU B 258 6.29 -11.58 -10.92
CA LEU B 258 6.25 -12.23 -12.23
C LEU B 258 4.93 -12.96 -12.38
N THR B 259 4.45 -13.10 -13.61
CA THR B 259 3.29 -13.99 -13.82
C THR B 259 3.73 -15.45 -13.77
N GLY B 260 2.75 -16.34 -13.57
CA GLY B 260 3.04 -17.75 -13.63
C GLY B 260 3.39 -18.22 -15.04
N LEU B 261 2.76 -17.61 -16.05
CA LEU B 261 3.06 -17.94 -17.44
C LEU B 261 4.50 -17.59 -17.78
N ASP B 262 4.99 -16.46 -17.27
CA ASP B 262 6.37 -16.10 -17.55
C ASP B 262 7.35 -16.99 -16.76
N PHE B 263 7.01 -17.31 -15.51
CA PHE B 263 7.91 -18.13 -14.72
C PHE B 263 8.11 -19.50 -15.34
N VAL B 264 7.04 -20.13 -15.83
CA VAL B 264 7.20 -21.47 -16.41
C VAL B 264 8.06 -21.43 -17.66
N LYS B 265 8.15 -20.28 -18.35
CA LYS B 265 9.06 -20.14 -19.49
C LYS B 265 10.51 -20.28 -19.07
N ILE B 266 10.85 -19.75 -17.88
CA ILE B 266 12.18 -19.92 -17.34
C ILE B 266 12.43 -21.39 -17.00
N LEU B 267 11.50 -22.02 -16.28
CA LEU B 267 11.63 -23.43 -15.96
C LEU B 267 11.84 -24.26 -17.22
N ARG B 268 11.11 -23.93 -18.25
CA ARG B 268 11.06 -24.77 -19.42
C ARG B 268 12.30 -24.63 -20.29
N SER B 269 12.90 -23.45 -20.31
CA SER B 269 14.20 -23.31 -20.96
C SER B 269 15.24 -24.21 -20.32
N LEU B 270 15.23 -24.30 -18.98
CA LEU B 270 16.14 -25.21 -18.30
C LEU B 270 15.79 -26.67 -18.57
N LEU B 271 14.50 -27.00 -18.58
CA LEU B 271 14.09 -28.40 -18.83
C LEU B 271 14.50 -28.84 -20.23
N ALA B 272 14.17 -28.04 -21.25
CA ALA B 272 14.55 -28.34 -22.62
C ALA B 272 16.04 -28.17 -22.87
N ASN B 273 16.73 -27.40 -22.01
CA ASN B 273 18.14 -27.11 -22.20
C ASN B 273 18.37 -26.54 -23.60
N ASP B 274 17.64 -25.48 -23.94
CA ASP B 274 17.61 -24.96 -25.30
C ASP B 274 18.65 -23.86 -25.55
N GLY B 275 19.54 -23.61 -24.59
CA GLY B 275 20.57 -22.58 -24.77
C GLY B 275 20.07 -21.15 -24.67
N MET B 276 18.79 -20.91 -24.38
CA MET B 276 18.30 -19.53 -24.35
C MET B 276 18.89 -18.74 -23.20
N LEU B 277 19.19 -19.38 -22.08
CA LEU B 277 19.71 -18.72 -20.89
C LEU B 277 21.14 -19.10 -20.57
N LEU B 278 21.49 -20.37 -20.75
CA LEU B 278 22.78 -20.91 -20.36
C LEU B 278 23.18 -21.99 -21.35
N LYS B 279 24.49 -22.24 -21.45
CA LYS B 279 24.95 -23.33 -22.29
C LYS B 279 24.55 -24.66 -21.67
N PRO B 280 24.25 -25.67 -22.50
CA PRO B 280 23.75 -26.96 -21.98
C PRO B 280 24.59 -27.57 -20.87
N ALA B 281 25.92 -27.47 -20.96
CA ALA B 281 26.76 -28.04 -19.92
C ALA B 281 26.64 -27.25 -18.62
N ALA B 282 26.40 -25.95 -18.72
CA ALA B 282 26.21 -25.14 -17.53
C ALA B 282 24.89 -25.49 -16.84
N VAL B 283 23.84 -25.74 -17.62
CA VAL B 283 22.56 -26.18 -17.04
C VAL B 283 22.72 -27.54 -16.38
N ASP B 284 23.36 -28.49 -17.10
CA ASP B 284 23.62 -29.83 -16.53
C ASP B 284 24.25 -29.74 -15.15
N ASN B 285 25.22 -28.83 -14.98
CA ASN B 285 25.90 -28.67 -13.71
C ASN B 285 24.97 -28.19 -12.58
N MET B 286 23.86 -27.53 -12.92
CA MET B 286 22.91 -27.10 -11.89
C MET B 286 22.28 -28.30 -11.19
N PHE B 287 22.04 -29.37 -11.94
CA PHE B 287 21.32 -30.55 -11.46
C PHE B 287 22.28 -31.58 -10.86
N GLN B 288 23.22 -31.11 -10.05
CA GLN B 288 24.17 -31.97 -9.36
C GLN B 288 24.24 -31.55 -7.91
N GLN B 289 24.61 -32.49 -7.04
CA GLN B 289 24.87 -32.20 -5.64
C GLN B 289 26.11 -31.30 -5.53
N HIS B 290 25.94 -30.06 -5.05
CA HIS B 290 27.06 -29.15 -4.89
C HIS B 290 27.39 -28.86 -3.43
N LEU B 291 26.86 -29.65 -2.51
CA LEU B 291 27.35 -29.63 -1.13
C LEU B 291 28.40 -30.71 -0.95
N GLY B 292 29.52 -30.36 -0.30
CA GLY B 292 30.45 -31.35 0.13
C GLY B 292 29.89 -32.19 1.27
N PRO B 293 30.67 -33.20 1.68
CA PRO B 293 30.17 -34.18 2.69
C PRO B 293 29.75 -33.56 4.01
N GLU B 294 30.55 -32.64 4.55
CA GLU B 294 30.19 -31.98 5.81
C GLU B 294 28.96 -31.11 5.65
N ALA B 295 28.89 -30.34 4.56
CA ALA B 295 27.71 -29.51 4.32
C ALA B 295 26.47 -30.37 4.08
N ALA B 296 26.63 -31.50 3.38
CA ALA B 296 25.50 -32.40 3.15
C ALA B 296 24.98 -33.03 4.44
N ALA B 297 25.88 -33.39 5.36
CA ALA B 297 25.42 -33.92 6.66
C ALA B 297 24.66 -32.86 7.43
N SER B 298 25.14 -31.61 7.40
CA SER B 298 24.43 -30.50 8.01
C SER B 298 23.05 -30.29 7.36
N HIS B 299 23.02 -30.35 6.03
CA HIS B 299 21.75 -30.27 5.30
C HIS B 299 20.76 -31.31 5.80
N ARG B 300 21.21 -32.58 5.89
CA ARG B 300 20.31 -33.66 6.27
C ARG B 300 19.87 -33.54 7.73
N ALA B 301 20.73 -33.02 8.60
CA ALA B 301 20.31 -32.71 9.96
C ALA B 301 19.20 -31.67 9.95
N ALA B 302 19.37 -30.61 9.14
CA ALA B 302 18.31 -29.63 8.98
C ALA B 302 17.03 -30.27 8.46
N LEU B 303 17.14 -31.22 7.52
CA LEU B 303 15.92 -31.83 6.98
C LEU B 303 15.18 -32.63 8.05
N ALA B 304 15.89 -33.13 9.07
CA ALA B 304 15.25 -33.89 10.14
C ALA B 304 14.86 -33.02 11.32
N SER B 305 15.15 -31.72 11.26
CA SER B 305 14.84 -30.80 12.35
C SER B 305 13.35 -30.43 12.32
N PRO B 306 12.88 -29.67 13.31
CA PRO B 306 11.48 -29.20 13.25
C PRO B 306 11.16 -28.36 12.03
N LEU B 307 12.16 -27.67 11.47
CA LEU B 307 12.00 -26.93 10.24
C LEU B 307 12.09 -27.83 9.00
N GLY B 308 12.38 -29.12 9.19
CA GLY B 308 12.57 -30.01 8.07
C GLY B 308 11.48 -30.02 7.02
N PRO B 309 10.19 -30.01 7.40
CA PRO B 309 9.14 -30.03 6.36
C PRO B 309 9.24 -28.88 5.39
N PHE B 310 9.62 -27.69 5.85
CA PHE B 310 9.85 -26.58 4.92
C PHE B 310 11.02 -26.88 4.00
N PHE B 311 12.11 -27.43 4.54
CA PHE B 311 13.31 -27.66 3.75
C PHE B 311 13.18 -28.82 2.76
N ARG B 312 12.20 -29.72 2.97
CA ARG B 312 12.01 -30.88 2.12
C ARG B 312 11.15 -30.63 0.89
N VAL B 313 10.41 -29.52 0.86
CA VAL B 313 9.58 -29.12 -0.29
C VAL B 313 8.67 -30.27 -0.74
N GLY B 314 8.10 -31.00 0.22
CA GLY B 314 7.17 -32.08 -0.08
C GLY B 314 7.81 -33.45 -0.31
N THR B 315 9.13 -33.53 -0.42
CA THR B 315 9.75 -34.84 -0.65
C THR B 315 9.73 -35.66 0.63
N ASP B 316 9.70 -37.00 0.44
CA ASP B 316 9.51 -37.91 1.55
C ASP B 316 10.81 -38.04 2.35
N PRO B 317 10.73 -38.14 3.67
CA PRO B 317 11.95 -38.30 4.49
C PRO B 317 12.82 -39.49 4.09
N GLU B 318 12.26 -40.52 3.45
CA GLU B 318 13.10 -41.62 3.00
C GLU B 318 13.79 -41.35 1.66
N THR B 319 13.51 -40.22 1.01
CA THR B 319 14.11 -39.92 -0.28
C THR B 319 15.41 -39.18 -0.05
N LYS B 320 16.49 -39.70 -0.63
CA LYS B 320 17.79 -39.08 -0.52
C LYS B 320 17.85 -37.83 -1.38
N VAL B 321 18.39 -36.73 -0.83
CA VAL B 321 18.39 -35.45 -1.52
C VAL B 321 19.71 -34.73 -1.27
N GLY B 322 20.06 -33.85 -2.20
CA GLY B 322 21.14 -32.91 -2.02
C GLY B 322 20.68 -31.52 -2.35
N TYR B 323 21.61 -30.59 -2.59
CA TYR B 323 21.28 -29.23 -2.97
C TYR B 323 22.08 -28.86 -4.21
N GLY B 324 21.37 -28.54 -5.30
CA GLY B 324 21.99 -28.16 -6.54
C GLY B 324 22.10 -26.64 -6.68
N LEU B 325 22.37 -26.20 -7.90
CA LEU B 325 22.40 -24.76 -8.18
C LEU B 325 20.98 -24.32 -8.49
N GLY B 326 20.26 -23.86 -7.47
CA GLY B 326 18.89 -23.40 -7.68
C GLY B 326 17.84 -23.97 -6.75
N GLY B 327 18.16 -25.01 -5.99
CA GLY B 327 17.17 -25.58 -5.10
C GLY B 327 17.58 -26.96 -4.60
N LEU B 328 16.64 -27.56 -3.87
CA LEU B 328 16.80 -28.94 -3.43
C LEU B 328 16.86 -29.86 -4.64
N LEU B 329 17.70 -30.88 -4.55
CA LEU B 329 17.94 -31.82 -5.64
C LEU B 329 17.69 -33.23 -5.15
N THR B 330 16.69 -33.92 -5.73
CA THR B 330 16.49 -35.32 -5.35
C THR B 330 17.62 -36.18 -5.93
N LEU B 331 17.98 -37.24 -5.20
CA LEU B 331 19.07 -38.11 -5.63
C LEU B 331 18.63 -39.53 -5.94
N GLU B 332 17.32 -39.79 -6.04
CA GLU B 332 16.87 -41.11 -6.43
C GLU B 332 15.46 -40.98 -6.96
N ASP B 333 15.07 -41.92 -7.82
CA ASP B 333 13.74 -41.91 -8.42
C ASP B 333 12.67 -42.12 -7.36
N VAL B 334 11.52 -41.51 -7.59
CA VAL B 334 10.26 -41.86 -6.94
C VAL B 334 9.30 -42.19 -8.07
N ASP B 335 9.03 -43.48 -8.28
CA ASP B 335 8.17 -43.90 -9.38
C ASP B 335 6.84 -43.18 -9.33
N GLY B 336 6.39 -42.72 -10.50
CA GLY B 336 5.16 -41.96 -10.63
C GLY B 336 5.26 -40.51 -10.19
N TRP B 337 6.38 -40.09 -9.60
CA TRP B 337 6.58 -38.72 -9.18
C TRP B 337 7.95 -38.23 -9.61
N TYR B 338 8.59 -37.39 -8.80
CA TYR B 338 9.86 -36.79 -9.18
C TYR B 338 10.90 -37.85 -9.53
N GLY B 339 11.45 -37.75 -10.73
CA GLY B 339 12.62 -38.53 -11.06
C GLY B 339 13.86 -38.04 -10.34
N GLU B 340 14.89 -38.88 -10.32
CA GLU B 340 16.12 -38.49 -9.68
C GLU B 340 16.68 -37.24 -10.36
N ARG B 341 17.34 -36.40 -9.57
CA ARG B 341 17.88 -35.11 -10.02
C ARG B 341 16.78 -34.12 -10.41
N THR B 342 15.61 -34.24 -9.79
CA THR B 342 14.62 -33.17 -9.89
C THR B 342 15.11 -32.00 -9.04
N LEU B 343 15.06 -30.80 -9.61
CA LEU B 343 15.38 -29.58 -8.87
C LEU B 343 14.07 -28.94 -8.45
N THR B 344 13.99 -28.53 -7.18
CA THR B 344 12.74 -27.96 -6.69
C THR B 344 13.00 -27.01 -5.52
N TRP B 345 12.20 -25.95 -5.46
CA TRP B 345 12.16 -25.08 -4.28
C TRP B 345 10.79 -24.38 -4.29
N GLY B 346 10.74 -23.16 -3.76
CA GLY B 346 9.46 -22.48 -3.70
C GLY B 346 9.60 -21.08 -3.16
N GLY B 347 8.45 -20.49 -2.84
CA GLY B 347 8.41 -19.16 -2.28
C GLY B 347 7.39 -19.12 -1.16
N GLY B 348 7.77 -18.46 -0.06
CA GLY B 348 6.93 -18.31 1.10
C GLY B 348 6.33 -19.64 1.52
N LEU B 349 5.07 -19.59 1.96
CA LEU B 349 4.36 -20.81 2.32
C LEU B 349 3.45 -21.31 1.21
N THR B 350 3.30 -20.54 0.11
CA THR B 350 2.19 -20.77 -0.81
C THR B 350 2.61 -21.18 -2.22
N LEU B 351 3.89 -21.11 -2.55
CA LEU B 351 4.34 -21.29 -3.93
C LEU B 351 5.41 -22.37 -3.97
N THR B 352 5.35 -23.23 -4.98
CA THR B 352 6.38 -24.25 -5.13
C THR B 352 6.59 -24.52 -6.62
N TRP B 353 7.80 -24.94 -6.97
CA TRP B 353 8.13 -25.25 -8.36
C TRP B 353 9.09 -26.44 -8.41
N PHE B 354 9.11 -27.11 -9.57
CA PHE B 354 10.02 -28.22 -9.80
C PHE B 354 10.43 -28.26 -11.28
N ILE B 355 11.62 -28.81 -11.53
CA ILE B 355 12.07 -29.18 -12.87
C ILE B 355 12.54 -30.63 -12.80
N ASP B 356 11.80 -31.54 -13.43
CA ASP B 356 12.07 -32.98 -13.41
C ASP B 356 12.59 -33.36 -14.79
N ARG B 357 13.92 -33.39 -14.95
CA ARG B 357 14.48 -33.66 -16.26
C ARG B 357 14.32 -35.12 -16.66
N LYS B 358 14.48 -36.05 -15.71
CA LYS B 358 14.41 -37.45 -16.09
C LYS B 358 13.05 -37.80 -16.68
N ASN B 359 11.96 -37.27 -16.11
CA ASN B 359 10.60 -37.57 -16.57
C ASN B 359 10.03 -36.49 -17.46
N ASN B 360 10.82 -35.47 -17.81
CA ASN B 360 10.41 -34.43 -18.76
C ASN B 360 9.13 -33.71 -18.32
N LEU B 361 9.23 -33.01 -17.19
CA LEU B 361 8.12 -32.21 -16.69
C LEU B 361 8.68 -31.11 -15.81
N CYS B 362 8.10 -29.91 -15.93
CA CYS B 362 8.36 -28.85 -14.97
C CYS B 362 7.05 -28.15 -14.67
N GLY B 363 7.01 -27.37 -13.59
CA GLY B 363 5.79 -26.68 -13.22
C GLY B 363 5.96 -25.80 -12.01
N VAL B 364 5.00 -24.88 -11.86
CA VAL B 364 4.89 -24.03 -10.68
C VAL B 364 3.44 -24.02 -10.21
N GLY B 365 3.25 -24.12 -8.90
CA GLY B 365 1.95 -23.97 -8.30
C GLY B 365 1.98 -22.85 -7.27
N ALA B 366 1.09 -21.87 -7.39
CA ALA B 366 1.17 -20.67 -6.58
C ALA B 366 -0.20 -20.42 -5.94
N ILE B 367 -0.34 -20.79 -4.67
CA ILE B 367 -1.60 -20.57 -3.97
C ILE B 367 -1.71 -19.09 -3.60
N GLN B 368 -2.89 -18.52 -3.79
CA GLN B 368 -3.16 -17.13 -3.43
C GLN B 368 -4.03 -17.14 -2.17
N ALA B 369 -3.39 -17.02 -1.02
CA ALA B 369 -4.02 -17.26 0.27
C ALA B 369 -4.73 -16.02 0.81
N VAL B 370 -5.55 -16.25 1.84
CA VAL B 370 -6.24 -15.19 2.59
C VAL B 370 -5.54 -15.06 3.93
N LEU B 371 -5.27 -13.83 4.35
CA LEU B 371 -4.70 -13.54 5.65
C LEU B 371 -5.79 -13.68 6.72
N PRO B 372 -5.49 -14.34 7.86
CA PRO B 372 -4.24 -15.00 8.26
C PRO B 372 -4.08 -16.38 7.61
N VAL B 373 -2.86 -16.69 7.21
CA VAL B 373 -2.59 -17.84 6.35
C VAL B 373 -2.57 -19.10 7.18
N ASP B 374 -3.37 -20.10 6.78
CA ASP B 374 -3.38 -21.42 7.41
C ASP B 374 -2.21 -22.23 6.86
N GLY B 375 -1.09 -22.25 7.61
CA GLY B 375 0.12 -22.90 7.12
C GLY B 375 -0.05 -24.37 6.82
N ASP B 376 -0.81 -25.08 7.66
CA ASP B 376 -0.99 -26.51 7.44
C ASP B 376 -1.73 -26.75 6.15
N LEU B 377 -2.75 -25.93 5.85
CA LEU B 377 -3.50 -26.08 4.62
C LEU B 377 -2.65 -25.74 3.39
N MET B 378 -1.77 -24.74 3.51
CA MET B 378 -0.88 -24.41 2.39
C MET B 378 0.01 -25.60 2.00
N ALA B 379 0.59 -26.30 2.99
CA ALA B 379 1.41 -27.46 2.66
C ALA B 379 0.59 -28.51 1.93
N ASP B 380 -0.64 -28.77 2.39
CA ASP B 380 -1.51 -29.72 1.70
C ASP B 380 -1.82 -29.27 0.29
N LEU B 381 -2.16 -27.98 0.10
CA LEU B 381 -2.50 -27.50 -1.23
C LEU B 381 -1.31 -27.61 -2.18
N LYS B 382 -0.10 -27.29 -1.70
CA LYS B 382 1.10 -27.45 -2.49
C LYS B 382 1.34 -28.92 -2.84
N GLN B 383 1.21 -29.81 -1.85
CA GLN B 383 1.35 -31.24 -2.13
C GLN B 383 0.33 -31.72 -3.15
N THR B 384 -0.89 -31.18 -3.09
CA THR B 384 -1.92 -31.57 -4.07
C THR B 384 -1.47 -31.22 -5.48
N PHE B 385 -1.00 -29.99 -5.68
CA PHE B 385 -0.44 -29.61 -6.97
C PHE B 385 0.71 -30.54 -7.37
N ARG B 386 1.65 -30.78 -6.45
CA ARG B 386 2.86 -31.51 -6.82
C ARG B 386 2.55 -32.94 -7.29
N HIS B 387 1.54 -33.59 -6.70
CA HIS B 387 1.20 -34.94 -7.12
C HIS B 387 0.13 -34.95 -8.20
N ASP B 388 -0.89 -34.09 -8.10
CA ASP B 388 -1.93 -34.10 -9.11
C ASP B 388 -1.40 -33.74 -10.50
N ILE B 389 -0.36 -32.90 -10.59
CA ILE B 389 0.15 -32.56 -11.93
C ILE B 389 0.78 -33.78 -12.59
N TYR B 390 1.33 -34.71 -11.80
CA TYR B 390 1.85 -35.95 -12.38
C TYR B 390 0.72 -36.87 -12.78
N ARG B 391 -0.35 -36.93 -11.97
CA ARG B 391 -1.57 -37.65 -12.35
C ARG B 391 -2.06 -37.18 -13.71
N LYS B 392 -2.15 -35.86 -13.91
CA LYS B 392 -2.60 -35.30 -15.18
C LYS B 392 -1.63 -35.63 -16.31
N TYR B 393 -0.32 -35.62 -16.01
CA TYR B 393 0.67 -35.98 -17.02
C TYR B 393 0.51 -37.43 -17.44
N SER B 394 0.36 -38.33 -16.46
CA SER B 394 0.16 -39.75 -16.77
C SER B 394 -1.10 -39.97 -17.59
N ALA B 395 -2.23 -39.41 -17.15
CA ALA B 395 -3.46 -39.51 -17.93
C ALA B 395 -3.23 -39.09 -19.37
N TRP B 396 -2.52 -37.98 -19.57
CA TRP B 396 -2.23 -37.51 -20.92
C TRP B 396 -1.32 -38.46 -21.67
N LYS B 397 -0.27 -38.96 -21.01
CA LYS B 397 0.64 -39.87 -21.69
C LYS B 397 -0.09 -41.10 -22.19
N GLY B 398 -1.06 -41.60 -21.40
CA GLY B 398 -1.82 -42.77 -21.79
C GLY B 398 -2.73 -42.57 -22.97
N GLN B 399 -2.93 -41.33 -23.43
CA GLN B 399 -3.82 -41.05 -24.54
C GLN B 399 -3.09 -40.75 -25.83
N GLN B 400 -1.77 -40.92 -25.86
CA GLN B 400 -1.01 -40.58 -27.06
C GLN B 400 -0.85 -41.83 -27.93
#